data_2DQ4
#
_entry.id   2DQ4
#
_cell.length_a   136.349
_cell.length_b   136.349
_cell.length_c   269.714
_cell.angle_alpha   90.00
_cell.angle_beta   90.00
_cell.angle_gamma   120.00
#
_symmetry.space_group_name_H-M   'P 61 2 2'
#
loop_
_entity.id
_entity.type
_entity.pdbx_description
1 polymer 'L-threonine 3-dehydrogenase'
2 non-polymer 'ZINC ION'
3 non-polymer '2-(N-MORPHOLINO)-ETHANESULFONIC ACID'
4 water water
#
_entity_poly.entity_id   1
_entity_poly.type   'polypeptide(L)'
_entity_poly.pdbx_seq_one_letter_code
;MRALAKLAPEEGLTLVDRPVPEPGPGEILVRVEAASICGTDLHIWKWDAWARGRIRPPLVTGHEFSGVVEAVGPGVRRPQ
VGDHVSLESHIVCHACPACRTGNYHVCLNTQILGVDRDGGFAEYVVVPAENAWVNPKDLPFEVAAILEPFGNAVHTVYAG
SGVSGKSVLITGAGPIGLMAAMVVRASGAGPILVSDPNPYRLAFARPYADRLVNPLEEDLLEVVRRVTGSGVEVLLEFSG
NEAAIHQGLMALIPGGEARILGIPSDPIRFDLAGELVMRGITAFGIAGRRLWQTWMQGTALVYSGRVDLSPLLTHRLPLS
RYREAFGLLASGQAVKVILDPKA
;
_entity_poly.pdbx_strand_id   A,B
#
# COMPACT_ATOMS: atom_id res chain seq x y z
N MET A 1 -6.22 -44.50 15.54
CA MET A 1 -5.42 -43.44 14.86
C MET A 1 -4.92 -42.45 15.90
N ARG A 2 -3.64 -42.10 15.80
CA ARG A 2 -2.98 -41.16 16.70
C ARG A 2 -3.20 -39.74 16.18
N ALA A 3 -3.45 -38.83 17.12
CA ALA A 3 -3.68 -37.42 16.79
C ALA A 3 -3.23 -36.58 17.98
N LEU A 4 -2.90 -35.32 17.73
CA LEU A 4 -2.44 -34.41 18.78
C LEU A 4 -3.51 -33.32 18.90
N ALA A 5 -4.15 -33.21 20.05
CA ALA A 5 -5.23 -32.25 20.18
C ALA A 5 -5.24 -31.33 21.39
N LYS A 6 -5.88 -30.18 21.20
CA LYS A 6 -6.05 -29.20 22.26
C LYS A 6 -7.42 -29.67 22.79
N LEU A 7 -7.41 -30.29 23.97
CA LEU A 7 -8.65 -30.83 24.54
C LEU A 7 -9.39 -29.91 25.50
N ALA A 8 -8.69 -28.97 26.11
CA ALA A 8 -9.35 -28.05 27.05
C ALA A 8 -8.77 -26.64 26.91
N PRO A 9 -9.36 -25.65 27.58
CA PRO A 9 -8.88 -24.26 27.52
C PRO A 9 -7.63 -24.04 28.32
N GLU A 10 -6.51 -24.64 27.90
CA GLU A 10 -5.28 -24.47 28.67
C GLU A 10 -4.07 -24.67 27.77
N GLU A 11 -2.87 -24.44 28.31
CA GLU A 11 -1.68 -24.65 27.49
C GLU A 11 -1.48 -26.15 27.19
N GLY A 12 -0.52 -26.45 26.31
CA GLY A 12 -0.23 -27.83 25.95
C GLY A 12 -1.19 -28.47 24.95
N LEU A 13 -0.87 -29.70 24.57
CA LEU A 13 -1.68 -30.48 23.61
C LEU A 13 -1.70 -31.92 24.14
N THR A 14 -2.63 -32.73 23.70
CA THR A 14 -2.66 -34.06 24.24
C THR A 14 -2.67 -35.13 23.16
N LEU A 15 -1.76 -36.10 23.26
CA LEU A 15 -1.69 -37.17 22.30
C LEU A 15 -2.92 -38.06 22.53
N VAL A 16 -3.71 -38.29 21.48
CA VAL A 16 -4.94 -39.07 21.63
C VAL A 16 -5.16 -40.10 20.55
N ASP A 17 -6.17 -40.95 20.76
CA ASP A 17 -6.57 -41.97 19.79
C ASP A 17 -7.98 -41.64 19.36
N ARG A 18 -8.20 -41.58 18.05
CA ARG A 18 -9.51 -41.28 17.50
C ARG A 18 -9.73 -42.30 16.39
N PRO A 19 -11.00 -42.53 16.02
CA PRO A 19 -11.24 -43.48 14.94
C PRO A 19 -10.91 -42.70 13.66
N VAL A 20 -10.54 -43.41 12.61
CA VAL A 20 -10.23 -42.78 11.34
C VAL A 20 -11.50 -42.19 10.77
N PRO A 21 -11.51 -40.87 10.50
CA PRO A 21 -12.67 -40.18 9.96
C PRO A 21 -13.03 -40.62 8.54
N GLU A 22 -14.25 -40.31 8.14
CA GLU A 22 -14.71 -40.67 6.80
C GLU A 22 -15.06 -39.45 6.00
N PRO A 23 -14.63 -39.41 4.73
CA PRO A 23 -14.94 -38.26 3.90
C PRO A 23 -16.34 -38.32 3.33
N GLY A 24 -17.10 -37.25 3.55
CA GLY A 24 -18.43 -37.15 3.00
C GLY A 24 -18.31 -36.61 1.58
N PRO A 25 -19.38 -36.00 1.03
CA PRO A 25 -19.33 -35.46 -0.34
C PRO A 25 -18.40 -34.28 -0.45
N GLY A 26 -17.62 -34.24 -1.53
CA GLY A 26 -16.70 -33.14 -1.75
C GLY A 26 -15.45 -33.20 -0.89
N GLU A 27 -15.28 -34.27 -0.11
CA GLU A 27 -14.11 -34.36 0.75
C GLU A 27 -13.25 -35.55 0.41
N ILE A 28 -12.04 -35.54 0.95
CA ILE A 28 -11.12 -36.64 0.72
C ILE A 28 -10.55 -37.00 2.08
N LEU A 29 -9.93 -38.18 2.15
CA LEU A 29 -9.29 -38.67 3.37
C LEU A 29 -7.82 -38.80 3.06
N VAL A 30 -7.03 -37.96 3.73
CA VAL A 30 -5.60 -37.92 3.56
C VAL A 30 -4.88 -38.72 4.63
N ARG A 31 -3.95 -39.57 4.21
CA ARG A 31 -3.13 -40.31 5.15
C ARG A 31 -1.93 -39.37 5.22
N VAL A 32 -1.80 -38.61 6.31
CA VAL A 32 -0.71 -37.67 6.45
C VAL A 32 0.67 -38.34 6.53
N GLU A 33 1.61 -37.85 5.73
CA GLU A 33 2.97 -38.40 5.73
C GLU A 33 3.97 -37.48 6.41
N ALA A 34 3.61 -36.21 6.54
CA ALA A 34 4.49 -35.21 7.14
C ALA A 34 3.73 -33.95 7.44
N ALA A 35 4.02 -33.35 8.59
CA ALA A 35 3.41 -32.11 9.02
C ALA A 35 4.49 -31.16 9.55
N SER A 36 4.17 -29.87 9.58
CA SER A 36 5.12 -28.92 10.10
C SER A 36 4.41 -28.00 11.07
N ILE A 37 5.18 -27.19 11.78
CA ILE A 37 4.64 -26.31 12.82
C ILE A 37 5.18 -24.90 12.63
N CYS A 38 4.36 -23.91 12.98
CA CYS A 38 4.80 -22.53 12.91
C CYS A 38 4.19 -21.72 14.07
N GLY A 39 4.55 -20.43 14.14
CA GLY A 39 4.06 -19.54 15.18
C GLY A 39 2.61 -19.70 15.59
N THR A 40 1.72 -19.90 14.62
CA THR A 40 0.30 -20.05 14.92
C THR A 40 0.11 -21.19 15.90
N ASP A 41 0.72 -22.33 15.58
CA ASP A 41 0.67 -23.51 16.41
C ASP A 41 1.22 -23.15 17.78
N LEU A 42 2.24 -22.30 17.79
CA LEU A 42 2.84 -21.90 19.05
C LEU A 42 1.77 -21.13 19.85
N HIS A 43 1.07 -20.19 19.22
CA HIS A 43 0.03 -19.44 19.92
C HIS A 43 -0.93 -20.42 20.58
N ILE A 44 -1.34 -21.45 19.85
CA ILE A 44 -2.27 -22.43 20.41
C ILE A 44 -1.60 -23.19 21.57
N TRP A 45 -0.31 -23.51 21.41
CA TRP A 45 0.46 -24.24 22.42
C TRP A 45 0.39 -23.51 23.76
N LYS A 46 0.92 -22.29 23.82
CA LYS A 46 0.91 -21.48 25.05
C LYS A 46 -0.47 -20.90 25.39
N TRP A 47 -1.50 -21.21 24.60
CA TRP A 47 -2.84 -20.70 24.87
C TRP A 47 -2.84 -19.22 25.25
N ASP A 48 -2.45 -18.35 24.32
CA ASP A 48 -2.44 -16.92 24.61
C ASP A 48 -3.75 -16.26 24.19
N ALA A 49 -3.78 -14.94 24.31
CA ALA A 49 -4.97 -14.17 23.94
C ALA A 49 -5.50 -14.65 22.60
N TRP A 50 -4.67 -14.51 21.58
CA TRP A 50 -5.07 -14.92 20.24
C TRP A 50 -5.79 -16.24 20.29
N ALA A 51 -5.10 -17.29 20.69
CA ALA A 51 -5.72 -18.62 20.75
C ALA A 51 -7.03 -18.55 21.53
N ARG A 52 -6.97 -17.89 22.68
CA ARG A 52 -8.15 -17.76 23.55
C ARG A 52 -9.41 -17.30 22.81
N GLY A 53 -9.27 -16.23 22.04
CA GLY A 53 -10.44 -15.74 21.35
C GLY A 53 -10.73 -16.43 20.05
N ARG A 54 -9.96 -17.46 19.72
CA ARG A 54 -10.16 -18.14 18.44
C ARG A 54 -10.40 -19.66 18.47
N ILE A 55 -9.61 -20.39 19.26
CA ILE A 55 -9.73 -21.86 19.33
C ILE A 55 -10.93 -22.39 20.14
N ARG A 56 -11.54 -23.47 19.68
CA ARG A 56 -12.67 -24.03 20.40
C ARG A 56 -12.47 -25.53 20.56
N PRO A 57 -11.81 -25.94 21.67
CA PRO A 57 -11.53 -27.35 21.99
C PRO A 57 -12.82 -28.14 21.94
N PRO A 58 -12.74 -29.45 21.64
CA PRO A 58 -11.57 -30.27 21.32
C PRO A 58 -11.20 -30.07 19.86
N LEU A 59 -9.89 -29.98 19.59
CA LEU A 59 -9.40 -29.73 18.24
C LEU A 59 -8.04 -30.35 17.91
N VAL A 60 -7.97 -31.11 16.82
CA VAL A 60 -6.71 -31.70 16.35
C VAL A 60 -5.99 -30.59 15.60
N THR A 61 -4.86 -30.11 16.09
CA THR A 61 -4.18 -29.03 15.40
C THR A 61 -3.31 -29.42 14.19
N GLY A 62 -2.64 -28.42 13.63
CA GLY A 62 -1.78 -28.63 12.46
C GLY A 62 -2.40 -28.20 11.13
N HIS A 63 -1.72 -27.30 10.40
CA HIS A 63 -2.20 -26.82 9.11
C HIS A 63 -1.16 -26.89 8.02
N GLU A 64 0.02 -27.37 8.36
CA GLU A 64 1.09 -27.51 7.39
C GLU A 64 1.38 -28.98 7.25
N PHE A 65 0.74 -29.65 6.30
CA PHE A 65 0.98 -31.06 6.12
C PHE A 65 0.84 -31.53 4.69
N SER A 66 1.38 -32.71 4.44
CA SER A 66 1.35 -33.33 3.13
C SER A 66 1.01 -34.82 3.38
N GLY A 67 0.54 -35.52 2.35
CA GLY A 67 0.20 -36.91 2.55
C GLY A 67 -0.33 -37.59 1.31
N VAL A 68 -1.08 -38.66 1.51
CA VAL A 68 -1.61 -39.42 0.39
C VAL A 68 -3.11 -39.52 0.44
N VAL A 69 -3.74 -39.48 -0.73
CA VAL A 69 -5.19 -39.58 -0.78
C VAL A 69 -5.57 -41.04 -0.55
N GLU A 70 -6.00 -41.33 0.68
CA GLU A 70 -6.36 -42.70 1.05
C GLU A 70 -7.69 -43.12 0.45
N ALA A 71 -8.65 -42.19 0.45
CA ALA A 71 -9.98 -42.45 -0.10
C ALA A 71 -10.73 -41.14 -0.34
N VAL A 72 -11.67 -41.16 -1.28
CA VAL A 72 -12.45 -39.96 -1.59
C VAL A 72 -13.94 -40.11 -1.24
N GLY A 73 -14.60 -38.96 -1.05
CA GLY A 73 -16.01 -38.98 -0.72
C GLY A 73 -16.86 -39.33 -1.92
N PRO A 74 -18.13 -39.69 -1.70
CA PRO A 74 -18.96 -40.04 -2.85
C PRO A 74 -19.05 -38.90 -3.87
N GLY A 75 -18.84 -39.26 -5.14
CA GLY A 75 -18.91 -38.26 -6.21
C GLY A 75 -17.70 -37.35 -6.39
N VAL A 76 -16.68 -37.49 -5.54
CA VAL A 76 -15.48 -36.67 -5.68
C VAL A 76 -14.63 -37.25 -6.81
N ARG A 77 -14.28 -36.42 -7.80
CA ARG A 77 -13.50 -36.93 -8.93
C ARG A 77 -12.09 -36.36 -8.99
N ARG A 78 -11.80 -35.37 -8.13
CA ARG A 78 -10.45 -34.80 -8.05
C ARG A 78 -10.18 -34.30 -6.60
N PRO A 79 -9.04 -34.70 -6.01
CA PRO A 79 -7.99 -35.56 -6.57
C PRO A 79 -8.40 -37.04 -6.58
N GLN A 80 -7.42 -37.93 -6.68
CA GLN A 80 -7.71 -39.36 -6.74
C GLN A 80 -6.92 -40.20 -5.74
N VAL A 81 -7.48 -41.36 -5.39
CA VAL A 81 -6.84 -42.27 -4.45
C VAL A 81 -5.44 -42.56 -4.96
N GLY A 82 -4.44 -42.38 -4.10
CA GLY A 82 -3.06 -42.61 -4.51
C GLY A 82 -2.31 -41.32 -4.78
N ASP A 83 -3.04 -40.21 -4.92
CA ASP A 83 -2.39 -38.93 -5.20
C ASP A 83 -1.66 -38.40 -3.97
N HIS A 84 -0.47 -37.86 -4.21
CA HIS A 84 0.36 -37.24 -3.16
C HIS A 84 -0.09 -35.79 -3.14
N VAL A 85 -0.48 -35.26 -1.99
CA VAL A 85 -0.93 -33.89 -1.99
C VAL A 85 -0.47 -33.02 -0.83
N SER A 86 -0.58 -31.72 -1.04
CA SER A 86 -0.25 -30.76 0.00
C SER A 86 -1.59 -30.08 0.22
N LEU A 87 -1.75 -29.44 1.36
CA LEU A 87 -3.02 -28.80 1.67
C LEU A 87 -2.99 -27.29 1.82
N GLU A 88 -4.01 -26.65 1.27
CA GLU A 88 -4.19 -25.21 1.44
C GLU A 88 -5.02 -25.21 2.71
N SER A 89 -4.54 -24.50 3.73
CA SER A 89 -5.23 -24.46 5.02
C SER A 89 -6.50 -23.62 5.05
N HIS A 90 -6.56 -22.61 4.20
CA HIS A 90 -7.74 -21.75 4.14
C HIS A 90 -8.89 -22.42 3.37
N ILE A 91 -10.02 -22.59 4.04
CA ILE A 91 -11.20 -23.15 3.39
C ILE A 91 -12.10 -21.95 3.14
N VAL A 92 -12.29 -21.59 1.87
CA VAL A 92 -13.05 -20.39 1.57
C VAL A 92 -14.55 -20.58 1.33
N CYS A 93 -15.32 -19.58 1.77
CA CYS A 93 -16.79 -19.63 1.66
C CYS A 93 -17.42 -19.50 0.25
N HIS A 94 -16.74 -18.85 -0.69
CA HIS A 94 -17.28 -18.68 -2.05
C HIS A 94 -18.60 -17.91 -1.99
N ALA A 95 -18.78 -17.11 -0.94
CA ALA A 95 -20.02 -16.34 -0.80
C ALA A 95 -19.82 -15.01 -0.06
N CYS A 96 -18.78 -14.26 -0.44
CA CYS A 96 -18.51 -12.99 0.19
C CYS A 96 -17.87 -12.04 -0.83
N PRO A 97 -17.77 -10.75 -0.49
CA PRO A 97 -17.17 -9.81 -1.43
C PRO A 97 -15.74 -10.24 -1.79
N ALA A 98 -15.01 -10.75 -0.80
CA ALA A 98 -13.64 -11.18 -1.04
C ALA A 98 -13.51 -12.32 -2.07
N CYS A 99 -14.36 -13.34 -1.98
CA CYS A 99 -14.31 -14.46 -2.93
C CYS A 99 -14.77 -14.03 -4.32
N ARG A 100 -15.83 -13.25 -4.38
CA ARG A 100 -16.33 -12.80 -5.68
C ARG A 100 -15.21 -12.11 -6.42
N THR A 101 -14.52 -11.21 -5.71
CA THR A 101 -13.42 -10.43 -6.27
C THR A 101 -12.19 -11.23 -6.56
N GLY A 102 -12.21 -12.51 -6.18
CA GLY A 102 -11.06 -13.35 -6.42
C GLY A 102 -9.96 -13.18 -5.37
N ASN A 103 -10.32 -12.60 -4.23
CA ASN A 103 -9.36 -12.44 -3.15
C ASN A 103 -9.70 -13.47 -2.06
N TYR A 104 -9.65 -14.74 -2.44
CA TYR A 104 -9.96 -15.87 -1.58
C TYR A 104 -9.04 -15.94 -0.36
N HIS A 105 -7.82 -15.42 -0.51
CA HIS A 105 -6.86 -15.45 0.58
C HIS A 105 -7.32 -14.60 1.76
N VAL A 106 -8.37 -13.79 1.55
CA VAL A 106 -8.93 -12.97 2.62
C VAL A 106 -10.44 -13.08 2.80
N CYS A 107 -10.96 -14.25 2.48
CA CYS A 107 -12.39 -14.55 2.62
C CYS A 107 -12.81 -14.20 4.07
N LEU A 108 -13.89 -13.41 4.22
CA LEU A 108 -14.31 -13.06 5.58
C LEU A 108 -14.85 -14.26 6.34
N ASN A 109 -15.05 -15.36 5.62
CA ASN A 109 -15.55 -16.58 6.25
C ASN A 109 -14.54 -17.68 6.20
N THR A 110 -13.28 -17.29 6.20
CA THR A 110 -12.20 -18.27 6.14
C THR A 110 -12.26 -19.22 7.33
N GLN A 111 -12.19 -20.50 7.01
CA GLN A 111 -12.17 -21.58 8.00
C GLN A 111 -10.79 -22.22 7.79
N ILE A 112 -9.95 -22.15 8.81
CA ILE A 112 -8.59 -22.71 8.73
C ILE A 112 -8.44 -24.14 9.25
N LEU A 113 -7.75 -24.96 8.48
CA LEU A 113 -7.47 -26.33 8.86
C LEU A 113 -6.55 -26.29 10.08
N GLY A 114 -6.90 -27.03 11.13
CA GLY A 114 -6.05 -27.05 12.30
C GLY A 114 -6.24 -25.90 13.27
N VAL A 115 -7.27 -25.09 13.10
CA VAL A 115 -7.52 -24.02 14.07
C VAL A 115 -9.01 -23.91 14.28
N ASP A 116 -9.79 -23.94 13.20
CA ASP A 116 -11.23 -23.88 13.33
C ASP A 116 -11.81 -25.29 13.18
N ARG A 117 -10.98 -26.22 12.75
CA ARG A 117 -11.41 -27.62 12.57
C ARG A 117 -10.20 -28.55 12.50
N ASP A 118 -10.43 -29.84 12.68
CA ASP A 118 -9.35 -30.81 12.67
C ASP A 118 -8.30 -30.60 11.59
N GLY A 119 -7.05 -30.73 12.00
CA GLY A 119 -5.90 -30.54 11.13
C GLY A 119 -5.10 -31.78 10.81
N GLY A 120 -3.87 -31.58 10.36
CA GLY A 120 -3.05 -32.71 10.00
C GLY A 120 -2.11 -33.33 11.01
N PHE A 121 -2.13 -32.90 12.26
CA PHE A 121 -1.26 -33.53 13.28
C PHE A 121 -1.96 -34.82 13.70
N ALA A 122 -2.07 -35.74 12.75
CA ALA A 122 -2.74 -37.01 12.95
C ALA A 122 -2.41 -37.91 11.76
N GLU A 123 -2.68 -39.20 11.90
CA GLU A 123 -2.39 -40.13 10.83
C GLU A 123 -3.33 -39.94 9.64
N TYR A 124 -4.54 -39.48 9.92
CA TYR A 124 -5.52 -39.27 8.89
C TYR A 124 -6.29 -37.98 9.11
N VAL A 125 -6.70 -37.34 8.04
CA VAL A 125 -7.50 -36.14 8.18
C VAL A 125 -8.44 -35.99 6.99
N VAL A 126 -9.64 -35.51 7.27
CA VAL A 126 -10.63 -35.27 6.24
C VAL A 126 -10.61 -33.79 5.95
N VAL A 127 -10.55 -33.48 4.66
CA VAL A 127 -10.50 -32.09 4.18
C VAL A 127 -11.28 -31.94 2.88
N PRO A 128 -11.62 -30.68 2.52
CA PRO A 128 -12.36 -30.38 1.30
C PRO A 128 -11.47 -30.79 0.14
N ALA A 129 -12.04 -31.43 -0.87
CA ALA A 129 -11.25 -31.84 -2.02
C ALA A 129 -10.62 -30.63 -2.74
N GLU A 130 -11.32 -29.50 -2.77
CA GLU A 130 -10.78 -28.31 -3.44
C GLU A 130 -9.52 -27.73 -2.77
N ASN A 131 -9.20 -28.20 -1.56
CA ASN A 131 -8.04 -27.67 -0.83
C ASN A 131 -6.78 -28.49 -1.05
N ALA A 132 -6.92 -29.55 -1.83
CA ALA A 132 -5.78 -30.41 -2.09
C ALA A 132 -5.03 -30.03 -3.35
N TRP A 133 -3.71 -29.92 -3.21
CA TRP A 133 -2.85 -29.60 -4.33
C TRP A 133 -2.05 -30.87 -4.63
N VAL A 134 -2.28 -31.47 -5.80
CA VAL A 134 -1.58 -32.67 -6.20
C VAL A 134 -0.14 -32.38 -6.59
N ASN A 135 0.79 -33.13 -5.99
CA ASN A 135 2.23 -33.01 -6.21
C ASN A 135 2.79 -34.21 -6.96
N PRO A 136 3.91 -34.00 -7.68
CA PRO A 136 4.51 -35.14 -8.40
C PRO A 136 4.85 -36.19 -7.32
N LYS A 137 4.61 -37.47 -7.60
CA LYS A 137 4.88 -38.53 -6.62
C LYS A 137 6.31 -38.48 -6.07
N ASP A 138 7.27 -38.01 -6.86
CA ASP A 138 8.66 -37.97 -6.39
C ASP A 138 9.12 -36.77 -5.57
N LEU A 139 8.19 -35.92 -5.14
CA LEU A 139 8.56 -34.79 -4.31
C LEU A 139 8.53 -35.31 -2.89
N PRO A 140 9.59 -35.04 -2.09
CA PRO A 140 9.57 -35.53 -0.71
C PRO A 140 8.38 -34.93 0.05
N PHE A 141 7.73 -35.75 0.88
CA PHE A 141 6.58 -35.31 1.68
C PHE A 141 6.97 -34.24 2.67
N GLU A 142 8.22 -34.31 3.12
CA GLU A 142 8.80 -33.37 4.08
C GLU A 142 8.78 -31.97 3.51
N VAL A 143 9.18 -31.87 2.25
CA VAL A 143 9.19 -30.59 1.55
C VAL A 143 7.76 -30.19 1.20
N ALA A 144 6.97 -31.17 0.77
CA ALA A 144 5.58 -30.94 0.42
C ALA A 144 4.82 -30.39 1.59
N ALA A 145 5.25 -30.77 2.80
CA ALA A 145 4.61 -30.33 4.04
C ALA A 145 4.78 -28.84 4.33
N ILE A 146 5.82 -28.23 3.79
CA ILE A 146 6.02 -26.81 4.03
C ILE A 146 5.65 -25.91 2.83
N LEU A 147 4.95 -26.44 1.83
CA LEU A 147 4.54 -25.62 0.68
C LEU A 147 3.57 -24.50 1.08
N GLU A 148 2.78 -24.74 2.13
CA GLU A 148 1.83 -23.74 2.61
C GLU A 148 2.58 -22.49 3.10
N PRO A 149 3.48 -22.64 4.10
CA PRO A 149 4.23 -21.47 4.58
C PRO A 149 5.15 -20.86 3.48
N PHE A 150 5.62 -21.70 2.56
CA PHE A 150 6.45 -21.24 1.44
C PHE A 150 5.59 -20.33 0.55
N GLY A 151 4.31 -20.67 0.40
CA GLY A 151 3.39 -19.90 -0.38
C GLY A 151 3.28 -18.49 0.17
N ASN A 152 3.36 -18.35 1.50
CA ASN A 152 3.28 -17.04 2.13
C ASN A 152 4.42 -16.18 1.62
N ALA A 153 5.59 -16.78 1.53
CA ALA A 153 6.77 -16.06 1.05
C ALA A 153 6.58 -15.69 -0.42
N VAL A 154 6.19 -16.69 -1.21
CA VAL A 154 5.96 -16.51 -2.62
C VAL A 154 5.00 -15.36 -2.87
N HIS A 155 3.88 -15.38 -2.15
CA HIS A 155 2.89 -14.35 -2.28
C HIS A 155 3.49 -12.97 -1.99
N THR A 156 4.32 -12.86 -0.96
CA THR A 156 4.92 -11.58 -0.61
C THR A 156 5.91 -11.06 -1.64
N VAL A 157 6.72 -11.96 -2.19
CA VAL A 157 7.73 -11.60 -3.19
C VAL A 157 7.16 -11.19 -4.55
N TYR A 158 6.16 -11.92 -5.03
CA TYR A 158 5.57 -11.64 -6.34
C TYR A 158 4.44 -10.63 -6.34
N ALA A 159 4.06 -10.16 -5.16
CA ALA A 159 3.03 -9.14 -5.02
C ALA A 159 3.60 -7.89 -5.72
N GLY A 160 2.71 -6.94 -6.02
CA GLY A 160 3.14 -5.73 -6.68
C GLY A 160 3.95 -5.96 -7.95
N SER A 161 5.05 -5.25 -8.08
CA SER A 161 5.92 -5.35 -9.24
C SER A 161 6.95 -6.49 -9.22
N GLY A 162 6.81 -7.43 -8.29
CA GLY A 162 7.79 -8.51 -8.24
C GLY A 162 9.17 -8.08 -7.78
N VAL A 163 10.20 -8.82 -8.16
CA VAL A 163 11.55 -8.49 -7.71
C VAL A 163 12.65 -8.69 -8.73
N SER A 164 12.33 -9.23 -9.89
CA SER A 164 13.33 -9.47 -10.92
C SER A 164 14.05 -8.20 -11.38
N GLY A 165 15.37 -8.24 -11.37
CA GLY A 165 16.15 -7.10 -11.79
C GLY A 165 16.01 -5.92 -10.85
N LYS A 166 15.59 -6.19 -9.61
CA LYS A 166 15.41 -5.14 -8.61
C LYS A 166 16.23 -5.32 -7.31
N SER A 167 16.55 -4.21 -6.65
CA SER A 167 17.28 -4.26 -5.40
C SER A 167 16.25 -4.56 -4.32
N VAL A 168 16.56 -5.54 -3.48
CA VAL A 168 15.66 -5.97 -2.42
C VAL A 168 16.23 -6.03 -1.00
N LEU A 169 15.46 -5.51 -0.04
CA LEU A 169 15.81 -5.57 1.37
C LEU A 169 14.73 -6.42 2.04
N ILE A 170 15.17 -7.46 2.74
CA ILE A 170 14.28 -8.35 3.47
C ILE A 170 14.62 -8.19 4.94
N THR A 171 13.63 -7.82 5.75
CA THR A 171 13.81 -7.71 7.19
C THR A 171 13.08 -8.89 7.83
N GLY A 172 13.84 -9.72 8.55
CA GLY A 172 13.29 -10.88 9.22
C GLY A 172 13.82 -12.13 8.53
N ALA A 173 14.69 -12.87 9.22
CA ALA A 173 15.28 -14.09 8.67
C ALA A 173 14.69 -15.34 9.29
N GLY A 174 13.47 -15.22 9.82
CA GLY A 174 12.78 -16.36 10.36
C GLY A 174 12.49 -17.32 9.21
N PRO A 175 11.79 -18.45 9.45
CA PRO A 175 11.51 -19.39 8.35
C PRO A 175 10.95 -18.82 7.05
N ILE A 176 9.87 -18.04 7.14
CA ILE A 176 9.27 -17.50 5.93
C ILE A 176 10.19 -16.52 5.21
N GLY A 177 10.76 -15.59 5.97
CA GLY A 177 11.66 -14.61 5.41
C GLY A 177 12.83 -15.27 4.71
N LEU A 178 13.23 -16.43 5.23
CA LEU A 178 14.34 -17.18 4.69
C LEU A 178 13.92 -17.83 3.37
N MET A 179 12.69 -18.31 3.33
CA MET A 179 12.17 -18.90 2.11
C MET A 179 12.08 -17.75 1.08
N ALA A 180 11.72 -16.55 1.56
CA ALA A 180 11.61 -15.39 0.69
C ALA A 180 12.96 -15.10 0.07
N ALA A 181 13.99 -15.21 0.89
CA ALA A 181 15.35 -14.96 0.42
C ALA A 181 15.73 -15.95 -0.68
N MET A 182 15.30 -17.20 -0.53
CA MET A 182 15.61 -18.18 -1.53
C MET A 182 14.90 -17.84 -2.83
N VAL A 183 13.65 -17.40 -2.70
CA VAL A 183 12.87 -17.05 -3.86
C VAL A 183 13.39 -15.80 -4.58
N VAL A 184 13.67 -14.73 -3.83
CA VAL A 184 14.12 -13.52 -4.49
C VAL A 184 15.46 -13.74 -5.16
N ARG A 185 16.25 -14.67 -4.63
CA ARG A 185 17.53 -14.97 -5.23
C ARG A 185 17.30 -15.76 -6.52
N ALA A 186 16.34 -16.68 -6.48
CA ALA A 186 16.06 -17.49 -7.65
C ALA A 186 15.24 -16.71 -8.67
N SER A 187 14.70 -15.57 -8.27
CA SER A 187 13.92 -14.75 -9.18
C SER A 187 14.71 -13.61 -9.82
N GLY A 188 16.00 -13.53 -9.53
CA GLY A 188 16.84 -12.52 -10.15
C GLY A 188 16.94 -11.16 -9.50
N ALA A 189 16.63 -11.07 -8.21
CA ALA A 189 16.75 -9.81 -7.53
C ALA A 189 18.25 -9.59 -7.35
N GLY A 190 18.63 -8.33 -7.14
CA GLY A 190 20.03 -8.00 -6.96
C GLY A 190 20.23 -6.50 -6.98
N PRO A 191 20.90 -5.94 -5.98
CA PRO A 191 21.48 -6.64 -4.83
C PRO A 191 20.40 -7.13 -3.85
N ILE A 192 20.68 -8.23 -3.17
CA ILE A 192 19.76 -8.77 -2.19
C ILE A 192 20.33 -8.56 -0.78
N LEU A 193 19.60 -7.83 0.05
CA LEU A 193 20.01 -7.58 1.44
C LEU A 193 19.03 -8.24 2.40
N VAL A 194 19.57 -8.92 3.43
CA VAL A 194 18.78 -9.57 4.48
C VAL A 194 19.24 -9.13 5.89
N SER A 195 18.32 -8.57 6.65
CA SER A 195 18.60 -8.06 7.96
C SER A 195 17.77 -8.74 9.07
N ASP A 196 18.48 -9.14 10.12
CA ASP A 196 17.89 -9.82 11.28
C ASP A 196 18.95 -9.83 12.38
N PRO A 197 18.55 -9.52 13.63
CA PRO A 197 19.49 -9.51 14.75
C PRO A 197 20.04 -10.89 15.13
N ASN A 198 19.23 -11.93 14.98
CA ASN A 198 19.69 -13.27 15.32
C ASN A 198 20.69 -13.84 14.28
N PRO A 199 21.98 -14.02 14.69
CA PRO A 199 23.03 -14.55 13.81
C PRO A 199 22.82 -15.99 13.40
N TYR A 200 21.91 -16.67 14.10
CA TYR A 200 21.63 -18.06 13.75
C TYR A 200 20.77 -18.09 12.50
N ARG A 201 19.71 -17.30 12.53
CA ARG A 201 18.78 -17.15 11.42
C ARG A 201 19.48 -16.52 10.22
N LEU A 202 20.27 -15.51 10.50
CA LEU A 202 20.97 -14.79 9.45
C LEU A 202 21.92 -15.68 8.65
N ALA A 203 22.55 -16.65 9.31
CA ALA A 203 23.50 -17.51 8.59
C ALA A 203 22.83 -18.45 7.59
N PHE A 204 21.54 -18.68 7.76
CA PHE A 204 20.86 -19.56 6.84
C PHE A 204 20.67 -18.89 5.50
N ALA A 205 20.76 -17.57 5.49
CA ALA A 205 20.55 -16.80 4.29
C ALA A 205 21.82 -16.45 3.53
N ARG A 206 22.99 -16.82 4.07
CA ARG A 206 24.25 -16.48 3.44
C ARG A 206 24.37 -16.93 1.99
N PRO A 207 23.88 -18.14 1.68
CA PRO A 207 23.98 -18.60 0.30
C PRO A 207 22.98 -17.92 -0.66
N TYR A 208 22.05 -17.13 -0.12
CA TYR A 208 21.06 -16.49 -0.97
C TYR A 208 21.18 -14.98 -1.07
N ALA A 209 21.59 -14.32 0.01
CA ALA A 209 21.73 -12.87 0.00
C ALA A 209 23.05 -12.38 -0.57
N ASP A 210 23.12 -11.10 -0.88
CA ASP A 210 24.35 -10.52 -1.38
C ASP A 210 25.01 -9.86 -0.17
N ARG A 211 24.18 -9.37 0.74
CA ARG A 211 24.67 -8.72 1.94
C ARG A 211 23.82 -9.09 3.16
N LEU A 212 24.48 -9.58 4.21
CA LEU A 212 23.81 -9.94 5.45
C LEU A 212 24.03 -8.79 6.41
N VAL A 213 23.01 -8.47 7.18
CA VAL A 213 23.12 -7.37 8.11
C VAL A 213 22.46 -7.70 9.45
N ASN A 214 23.18 -7.39 10.51
CA ASN A 214 22.63 -7.53 11.84
C ASN A 214 22.44 -6.06 12.15
N PRO A 215 21.18 -5.60 12.19
CA PRO A 215 20.88 -4.20 12.45
C PRO A 215 21.25 -3.68 13.82
N LEU A 216 21.52 -4.59 14.77
CA LEU A 216 21.91 -4.16 16.12
C LEU A 216 23.39 -3.84 16.12
N GLU A 217 24.12 -4.39 15.15
CA GLU A 217 25.55 -4.20 15.05
C GLU A 217 26.00 -3.25 13.97
N GLU A 218 25.17 -3.06 12.94
CA GLU A 218 25.52 -2.14 11.87
C GLU A 218 24.34 -1.26 11.61
N ASP A 219 24.61 -0.11 11.01
CA ASP A 219 23.53 0.80 10.67
C ASP A 219 22.93 0.28 9.33
N LEU A 220 21.74 -0.31 9.41
CA LEU A 220 21.09 -0.88 8.22
C LEU A 220 21.03 0.12 7.06
N LEU A 221 20.61 1.35 7.36
CA LEU A 221 20.53 2.39 6.33
C LEU A 221 21.86 2.65 5.64
N GLU A 222 22.91 2.86 6.42
CA GLU A 222 24.21 3.12 5.86
C GLU A 222 24.67 1.94 5.02
N VAL A 223 24.29 0.74 5.41
CA VAL A 223 24.69 -0.42 4.62
C VAL A 223 23.90 -0.47 3.31
N VAL A 224 22.59 -0.22 3.40
CA VAL A 224 21.77 -0.22 2.20
C VAL A 224 22.35 0.82 1.23
N ARG A 225 22.70 1.99 1.75
CA ARG A 225 23.30 3.06 0.95
C ARG A 225 24.56 2.63 0.23
N ARG A 226 25.44 1.95 0.94
CA ARG A 226 26.69 1.50 0.36
C ARG A 226 26.53 0.40 -0.69
N VAL A 227 25.49 -0.42 -0.54
CA VAL A 227 25.22 -1.51 -1.48
C VAL A 227 24.44 -1.11 -2.74
N THR A 228 23.53 -0.15 -2.61
CA THR A 228 22.71 0.24 -3.76
C THR A 228 23.06 1.61 -4.31
N GLY A 229 23.58 2.47 -3.43
CA GLY A 229 23.92 3.82 -3.82
C GLY A 229 22.85 4.76 -3.27
N SER A 230 21.80 4.18 -2.68
CA SER A 230 20.70 4.97 -2.12
C SER A 230 19.76 4.06 -1.36
N GLY A 231 18.71 3.59 -2.01
CA GLY A 231 17.77 2.72 -1.33
C GLY A 231 17.49 1.46 -2.09
N VAL A 232 16.62 0.62 -1.56
CA VAL A 232 16.25 -0.59 -2.26
C VAL A 232 14.94 -0.27 -2.97
N GLU A 233 14.61 -1.05 -3.98
CA GLU A 233 13.36 -0.83 -4.71
C GLU A 233 12.22 -1.53 -4.01
N VAL A 234 12.53 -2.64 -3.36
CA VAL A 234 11.49 -3.40 -2.71
C VAL A 234 11.81 -3.74 -1.27
N LEU A 235 10.82 -3.59 -0.40
CA LEU A 235 10.96 -3.94 0.98
C LEU A 235 10.03 -5.10 1.25
N LEU A 236 10.59 -6.20 1.76
CA LEU A 236 9.80 -7.39 2.12
C LEU A 236 9.92 -7.55 3.64
N GLU A 237 8.85 -7.22 4.35
CA GLU A 237 8.84 -7.26 5.81
C GLU A 237 8.21 -8.53 6.40
N PHE A 238 9.01 -9.32 7.12
CA PHE A 238 8.48 -10.55 7.74
C PHE A 238 8.48 -10.59 9.27
N SER A 239 9.16 -9.67 9.93
CA SER A 239 9.28 -9.70 11.37
C SER A 239 8.17 -9.10 12.23
N GLY A 240 7.44 -8.11 11.72
CA GLY A 240 6.41 -7.51 12.54
C GLY A 240 7.03 -6.64 13.63
N ASN A 241 8.36 -6.52 13.61
CA ASN A 241 9.11 -5.70 14.58
C ASN A 241 9.03 -4.24 14.20
N GLU A 242 8.43 -3.42 15.07
CA GLU A 242 8.26 -2.00 14.76
C GLU A 242 9.51 -1.25 14.35
N ALA A 243 10.63 -1.51 15.00
CA ALA A 243 11.84 -0.80 14.65
C ALA A 243 12.30 -1.19 13.24
N ALA A 244 12.24 -2.48 12.95
CA ALA A 244 12.63 -2.99 11.64
C ALA A 244 11.70 -2.40 10.56
N ILE A 245 10.41 -2.25 10.89
CA ILE A 245 9.44 -1.68 9.96
C ILE A 245 9.80 -0.24 9.59
N HIS A 246 10.09 0.57 10.61
CA HIS A 246 10.42 1.97 10.36
C HIS A 246 11.71 2.14 9.59
N GLN A 247 12.71 1.34 9.94
CA GLN A 247 14.01 1.38 9.30
C GLN A 247 13.92 0.90 7.85
N GLY A 248 13.17 -0.17 7.62
CA GLY A 248 13.00 -0.69 6.28
C GLY A 248 12.34 0.31 5.33
N LEU A 249 11.29 0.96 5.80
CA LEU A 249 10.61 1.95 4.98
C LEU A 249 11.59 3.05 4.58
N MET A 250 12.43 3.48 5.52
CA MET A 250 13.42 4.53 5.24
C MET A 250 14.44 4.07 4.21
N ALA A 251 14.73 2.77 4.16
CA ALA A 251 15.72 2.25 3.22
C ALA A 251 15.18 2.10 1.80
N LEU A 252 13.85 2.20 1.67
CA LEU A 252 13.16 2.08 0.39
C LEU A 252 13.32 3.41 -0.37
N ILE A 253 13.59 3.37 -1.67
CA ILE A 253 13.71 4.61 -2.45
C ILE A 253 12.30 5.14 -2.63
N PRO A 254 12.15 6.45 -2.89
CA PRO A 254 10.80 7.02 -3.08
C PRO A 254 10.15 6.31 -4.27
N GLY A 255 8.85 6.04 -4.16
CA GLY A 255 8.15 5.34 -5.22
C GLY A 255 8.31 3.83 -5.17
N GLY A 256 9.04 3.34 -4.17
CA GLY A 256 9.24 1.91 -4.02
C GLY A 256 8.04 1.19 -3.44
N GLU A 257 8.21 -0.11 -3.20
CA GLU A 257 7.13 -0.91 -2.65
C GLU A 257 7.56 -1.68 -1.41
N ALA A 258 6.66 -1.70 -0.44
CA ALA A 258 6.85 -2.42 0.82
C ALA A 258 5.75 -3.47 0.84
N ARG A 259 6.13 -4.73 1.00
CA ARG A 259 5.13 -5.78 1.02
C ARG A 259 5.26 -6.38 2.41
N ILE A 260 4.20 -6.28 3.18
CA ILE A 260 4.21 -6.71 4.57
C ILE A 260 3.41 -7.97 4.91
N LEU A 261 4.14 -9.00 5.35
CA LEU A 261 3.54 -10.25 5.77
C LEU A 261 3.56 -10.23 7.30
N GLY A 262 4.59 -9.58 7.85
CA GLY A 262 4.77 -9.50 9.29
C GLY A 262 3.66 -8.92 10.13
N ILE A 263 3.31 -9.60 11.21
CA ILE A 263 2.24 -9.13 12.08
C ILE A 263 2.80 -8.56 13.39
N PRO A 264 2.76 -7.23 13.57
CA PRO A 264 3.28 -6.67 14.83
C PRO A 264 2.34 -7.10 15.94
N SER A 265 2.88 -7.34 17.13
CA SER A 265 2.06 -7.75 18.27
C SER A 265 1.22 -6.58 18.83
N ASP A 266 1.57 -5.36 18.44
CA ASP A 266 0.82 -4.19 18.90
C ASP A 266 0.78 -3.11 17.84
N PRO A 267 -0.15 -2.16 17.98
CA PRO A 267 -0.24 -1.06 17.02
C PRO A 267 1.12 -0.37 17.03
N ILE A 268 1.50 0.23 15.91
CA ILE A 268 2.76 0.92 15.85
C ILE A 268 2.48 2.42 15.82
N ARG A 269 3.53 3.22 15.92
CA ARG A 269 3.38 4.67 15.84
C ARG A 269 3.71 4.82 14.37
N PHE A 270 2.85 5.46 13.59
CA PHE A 270 3.14 5.56 12.17
C PHE A 270 3.01 6.95 11.63
N ASP A 271 4.08 7.44 11.02
CA ASP A 271 4.08 8.77 10.42
C ASP A 271 3.69 8.59 8.94
N LEU A 272 2.40 8.35 8.75
CA LEU A 272 1.79 8.14 7.45
C LEU A 272 2.35 9.05 6.36
N ALA A 273 2.38 10.34 6.67
CA ALA A 273 2.86 11.32 5.71
C ALA A 273 4.33 11.17 5.39
N GLY A 274 5.16 11.01 6.41
CA GLY A 274 6.59 10.88 6.17
C GLY A 274 7.09 9.54 5.67
N GLU A 275 6.48 8.46 6.12
CA GLU A 275 6.91 7.13 5.72
C GLU A 275 6.21 6.57 4.47
N LEU A 276 5.02 7.07 4.15
CA LEU A 276 4.27 6.57 2.99
C LEU A 276 3.88 7.62 1.95
N VAL A 277 2.97 8.50 2.33
CA VAL A 277 2.46 9.49 1.42
C VAL A 277 3.44 10.38 0.66
N MET A 278 4.29 11.11 1.37
CA MET A 278 5.21 12.03 0.72
C MET A 278 6.30 11.40 -0.14
N ARG A 279 6.56 10.12 0.10
CA ARG A 279 7.58 9.42 -0.65
C ARG A 279 7.01 8.54 -1.75
N GLY A 280 5.69 8.59 -1.93
CA GLY A 280 5.02 7.81 -2.97
C GLY A 280 5.19 6.31 -2.85
N ILE A 281 5.28 5.84 -1.61
CA ILE A 281 5.44 4.43 -1.33
C ILE A 281 4.07 3.73 -1.36
N THR A 282 4.09 2.47 -1.79
CA THR A 282 2.90 1.67 -1.81
C THR A 282 3.21 0.52 -0.85
N ALA A 283 2.28 0.26 0.09
CA ALA A 283 2.45 -0.81 1.05
C ALA A 283 1.41 -1.90 0.82
N PHE A 284 1.89 -3.11 0.62
CA PHE A 284 1.03 -4.26 0.36
C PHE A 284 0.83 -5.17 1.58
N GLY A 285 -0.40 -5.27 2.07
CA GLY A 285 -0.68 -6.17 3.19
C GLY A 285 -0.86 -7.54 2.58
N ILE A 286 0.04 -8.47 2.92
CA ILE A 286 0.04 -9.82 2.39
C ILE A 286 -0.51 -10.80 3.40
N ALA A 287 -1.49 -11.60 2.99
CA ALA A 287 -2.10 -12.58 3.88
C ALA A 287 -2.47 -13.82 3.10
N GLY A 288 -2.07 -14.98 3.60
CA GLY A 288 -2.40 -16.21 2.94
C GLY A 288 -1.72 -16.42 1.62
N ARG A 289 -2.32 -17.27 0.79
CA ARG A 289 -1.80 -17.58 -0.52
C ARG A 289 -2.90 -17.25 -1.55
N ARG A 290 -2.56 -16.50 -2.61
CA ARG A 290 -3.55 -16.16 -3.64
C ARG A 290 -4.01 -17.52 -4.14
N LEU A 291 -5.31 -17.75 -4.08
CA LEU A 291 -5.74 -19.07 -4.45
C LEU A 291 -5.65 -19.51 -5.88
N TRP A 292 -4.61 -20.33 -5.93
CA TRP A 292 -4.02 -21.07 -7.01
C TRP A 292 -2.87 -20.35 -7.65
N GLN A 293 -2.90 -19.04 -7.78
CA GLN A 293 -1.73 -18.38 -8.38
C GLN A 293 -0.46 -18.54 -7.54
N THR A 294 -0.54 -18.28 -6.25
CA THR A 294 0.59 -18.43 -5.37
C THR A 294 1.09 -19.88 -5.39
N TRP A 295 0.16 -20.83 -5.38
CA TRP A 295 0.53 -22.24 -5.45
C TRP A 295 1.20 -22.59 -6.79
N MET A 296 0.73 -21.98 -7.88
CA MET A 296 1.34 -22.27 -9.16
C MET A 296 2.78 -21.76 -9.27
N GLN A 297 3.01 -20.54 -8.81
CA GLN A 297 4.33 -19.95 -8.86
C GLN A 297 5.30 -20.68 -7.96
N GLY A 298 4.84 -20.95 -6.74
CA GLY A 298 5.67 -21.62 -5.76
C GLY A 298 6.03 -23.04 -6.13
N THR A 299 5.05 -23.82 -6.55
CA THR A 299 5.34 -25.20 -6.88
C THR A 299 6.16 -25.28 -8.15
N ALA A 300 6.04 -24.30 -9.03
CA ALA A 300 6.83 -24.34 -10.24
C ALA A 300 8.29 -24.17 -9.82
N LEU A 301 8.53 -23.24 -8.91
CA LEU A 301 9.88 -22.99 -8.41
C LEU A 301 10.44 -24.29 -7.82
N VAL A 302 9.63 -24.94 -6.99
CA VAL A 302 10.05 -26.19 -6.37
C VAL A 302 10.19 -27.32 -7.38
N TYR A 303 9.12 -27.65 -8.09
CA TYR A 303 9.18 -28.76 -9.05
C TYR A 303 10.35 -28.66 -10.03
N SER A 304 10.59 -27.49 -10.60
CA SER A 304 11.67 -27.33 -11.57
C SER A 304 13.06 -27.28 -10.95
N GLY A 305 13.13 -27.04 -9.65
CA GLY A 305 14.39 -26.95 -8.97
C GLY A 305 14.97 -25.55 -8.86
N ARG A 306 14.23 -24.51 -9.26
CA ARG A 306 14.75 -23.16 -9.18
C ARG A 306 15.14 -22.87 -7.74
N VAL A 307 14.37 -23.40 -6.80
CA VAL A 307 14.69 -23.28 -5.37
C VAL A 307 14.71 -24.71 -4.80
N ASP A 308 15.53 -24.92 -3.79
CA ASP A 308 15.66 -26.22 -3.12
C ASP A 308 15.33 -25.90 -1.68
N LEU A 309 14.21 -26.40 -1.20
CA LEU A 309 13.78 -26.14 0.17
C LEU A 309 14.41 -27.03 1.25
N SER A 310 15.13 -28.09 0.86
CA SER A 310 15.79 -29.00 1.80
C SER A 310 16.53 -28.36 2.97
N PRO A 311 17.35 -27.33 2.71
CA PRO A 311 18.11 -26.66 3.77
C PRO A 311 17.27 -26.09 4.91
N LEU A 312 15.97 -25.91 4.69
CA LEU A 312 15.13 -25.33 5.72
C LEU A 312 14.59 -26.33 6.71
N LEU A 313 14.68 -27.60 6.39
CA LEU A 313 14.17 -28.62 7.32
C LEU A 313 15.30 -29.06 8.23
N THR A 314 15.33 -28.49 9.43
CA THR A 314 16.38 -28.80 10.39
C THR A 314 16.10 -30.07 11.20
N HIS A 315 14.83 -30.32 11.55
CA HIS A 315 14.52 -31.50 12.34
C HIS A 315 13.29 -32.25 11.89
N ARG A 316 13.35 -33.58 12.01
CA ARG A 316 12.20 -34.43 11.72
C ARG A 316 12.08 -35.32 12.96
N LEU A 317 10.96 -35.16 13.65
CA LEU A 317 10.63 -35.85 14.89
C LEU A 317 9.32 -36.64 14.85
N PRO A 318 9.22 -37.72 15.66
CA PRO A 318 7.94 -38.39 15.58
C PRO A 318 6.91 -37.51 16.26
N LEU A 319 5.66 -37.63 15.84
CA LEU A 319 4.57 -36.86 16.39
C LEU A 319 4.52 -37.03 17.93
N SER A 320 4.82 -38.24 18.38
CA SER A 320 4.80 -38.52 19.81
C SER A 320 5.86 -37.76 20.60
N ARG A 321 6.85 -37.19 19.92
CA ARG A 321 7.91 -36.44 20.60
C ARG A 321 7.68 -34.94 20.36
N TYR A 322 6.40 -34.59 20.26
CA TYR A 322 5.99 -33.23 19.99
C TYR A 322 6.42 -32.25 21.07
N ARG A 323 6.53 -32.72 22.29
CA ARG A 323 6.93 -31.83 23.37
C ARG A 323 8.22 -31.11 22.97
N GLU A 324 9.14 -31.86 22.36
CA GLU A 324 10.41 -31.29 21.96
C GLU A 324 10.29 -30.40 20.70
N ALA A 325 9.42 -30.77 19.77
CA ALA A 325 9.23 -29.96 18.56
C ALA A 325 8.79 -28.56 19.03
N PHE A 326 7.72 -28.46 19.81
CA PHE A 326 7.26 -27.16 20.27
C PHE A 326 8.30 -26.41 21.09
N GLY A 327 9.28 -27.12 21.62
CA GLY A 327 10.32 -26.46 22.39
C GLY A 327 11.28 -25.82 21.42
N LEU A 328 11.74 -26.57 20.41
CA LEU A 328 12.67 -26.03 19.40
C LEU A 328 12.06 -24.73 18.85
N LEU A 329 10.77 -24.79 18.53
CA LEU A 329 10.05 -23.64 18.02
C LEU A 329 10.31 -22.45 18.97
N ALA A 330 9.51 -22.37 20.04
CA ALA A 330 9.61 -21.31 21.06
C ALA A 330 11.03 -20.83 21.40
N SER A 331 12.04 -21.65 21.09
CA SER A 331 13.44 -21.35 21.41
C SER A 331 14.23 -20.60 20.34
N GLY A 332 13.99 -20.94 19.08
CA GLY A 332 14.71 -20.31 17.98
C GLY A 332 15.54 -21.31 17.17
N GLN A 333 16.43 -22.01 17.86
CA GLN A 333 17.32 -23.00 17.26
C GLN A 333 17.08 -23.45 15.79
N ALA A 334 15.95 -24.12 15.55
CA ALA A 334 15.57 -24.66 14.24
C ALA A 334 14.94 -23.68 13.23
N VAL A 335 14.76 -24.16 12.00
CA VAL A 335 14.11 -23.36 10.97
C VAL A 335 12.71 -23.99 10.89
N LYS A 336 12.59 -25.11 10.17
CA LYS A 336 11.31 -25.80 10.06
C LYS A 336 11.41 -27.22 10.63
N VAL A 337 10.49 -27.55 11.52
CA VAL A 337 10.48 -28.86 12.13
C VAL A 337 9.41 -29.76 11.53
N ILE A 338 9.80 -30.94 11.10
CA ILE A 338 8.83 -31.88 10.57
C ILE A 338 8.37 -32.86 11.65
N LEU A 339 7.08 -33.20 11.66
CA LEU A 339 6.51 -34.18 12.58
C LEU A 339 6.00 -35.38 11.78
N ASP A 340 6.42 -36.59 12.17
CA ASP A 340 6.01 -37.85 11.53
C ASP A 340 4.87 -38.46 12.33
N PRO A 341 3.63 -38.30 11.85
CA PRO A 341 2.43 -38.82 12.50
C PRO A 341 2.33 -40.33 12.57
N LYS A 342 3.29 -41.02 11.98
CA LYS A 342 3.23 -42.47 12.01
C LYS A 342 4.02 -43.03 13.20
N ALA A 343 4.47 -42.16 14.10
CA ALA A 343 5.25 -42.58 15.25
C ALA A 343 5.22 -41.60 16.42
N MET B 1 6.79 44.89 -11.71
CA MET B 1 5.50 44.14 -11.70
C MET B 1 5.03 43.98 -10.29
N ARG B 2 3.79 43.54 -10.14
CA ARG B 2 3.21 43.32 -8.84
C ARG B 2 3.50 41.85 -8.44
N ALA B 3 3.66 41.58 -7.15
CA ALA B 3 3.92 40.22 -6.65
C ALA B 3 3.56 40.14 -5.18
N LEU B 4 3.09 38.98 -4.75
CA LEU B 4 2.74 38.76 -3.35
C LEU B 4 3.90 37.96 -2.78
N ALA B 5 4.52 38.48 -1.73
CA ALA B 5 5.68 37.83 -1.12
C ALA B 5 5.70 37.69 0.39
N LYS B 6 6.53 36.75 0.86
CA LYS B 6 6.74 36.52 2.29
C LYS B 6 8.11 37.14 2.48
N LEU B 7 8.19 38.33 3.07
CA LEU B 7 9.47 39.01 3.23
C LEU B 7 10.24 38.72 4.51
N ALA B 8 9.63 38.01 5.46
CA ALA B 8 10.37 37.72 6.68
C ALA B 8 9.72 36.55 7.37
N PRO B 9 10.41 35.96 8.36
CA PRO B 9 9.94 34.81 9.13
C PRO B 9 8.77 35.14 10.05
N GLU B 10 7.63 35.52 9.49
CA GLU B 10 6.46 35.88 10.31
C GLU B 10 5.17 35.64 9.51
N GLU B 11 4.03 36.04 10.10
CA GLU B 11 2.72 35.87 9.47
C GLU B 11 2.50 36.86 8.33
N GLY B 12 1.47 36.58 7.54
CA GLY B 12 1.13 37.45 6.44
C GLY B 12 2.04 37.45 5.23
N LEU B 13 1.61 38.20 4.22
CA LEU B 13 2.34 38.34 2.99
C LEU B 13 2.36 39.81 2.67
N THR B 14 3.13 40.20 1.67
CA THR B 14 3.23 41.61 1.34
C THR B 14 3.18 41.86 -0.16
N LEU B 15 2.51 42.92 -0.56
CA LEU B 15 2.43 43.27 -1.97
C LEU B 15 3.65 44.09 -2.21
N VAL B 16 4.38 43.77 -3.27
CA VAL B 16 5.61 44.48 -3.56
C VAL B 16 5.68 44.66 -5.06
N ASP B 17 6.70 45.38 -5.49
CA ASP B 17 6.95 45.64 -6.91
C ASP B 17 8.32 45.07 -7.15
N ARG B 18 8.47 44.23 -8.16
CA ARG B 18 9.79 43.69 -8.43
C ARG B 18 10.04 43.73 -9.90
N PRO B 19 11.31 43.71 -10.29
CA PRO B 19 11.61 43.73 -11.72
C PRO B 19 11.08 42.44 -12.34
N VAL B 20 10.87 42.44 -13.65
CA VAL B 20 10.39 41.25 -14.32
C VAL B 20 11.54 40.26 -14.42
N PRO B 21 11.33 38.99 -13.98
CA PRO B 21 12.42 38.01 -14.07
C PRO B 21 12.82 37.79 -15.54
N GLU B 22 13.98 37.16 -15.75
CA GLU B 22 14.49 36.92 -17.10
C GLU B 22 14.81 35.45 -17.32
N PRO B 23 14.36 34.88 -18.45
CA PRO B 23 14.62 33.48 -18.75
C PRO B 23 15.94 33.19 -19.41
N GLY B 24 16.70 32.29 -18.81
CA GLY B 24 17.96 31.90 -19.38
C GLY B 24 17.75 30.57 -20.07
N PRO B 25 18.84 29.89 -20.47
CA PRO B 25 18.75 28.60 -21.17
C PRO B 25 17.78 27.66 -20.48
N GLY B 26 16.97 26.98 -21.29
CA GLY B 26 16.02 26.02 -20.77
C GLY B 26 14.83 26.57 -20.01
N GLU B 27 14.71 27.89 -19.97
CA GLU B 27 13.59 28.50 -19.24
C GLU B 27 12.66 29.33 -20.14
N ILE B 28 11.50 29.69 -19.60
CA ILE B 28 10.55 30.53 -20.33
C ILE B 28 9.99 31.56 -19.37
N LEU B 29 9.57 32.71 -19.89
CA LEU B 29 8.96 33.76 -19.06
C LEU B 29 7.46 33.61 -19.26
N VAL B 30 6.68 33.53 -18.19
CA VAL B 30 5.23 33.37 -18.31
C VAL B 30 4.46 34.55 -17.77
N ARG B 31 3.52 35.07 -18.57
CA ARG B 31 2.70 36.17 -18.10
C ARG B 31 1.50 35.52 -17.43
N VAL B 32 1.39 35.69 -16.13
CA VAL B 32 0.32 35.06 -15.38
C VAL B 32 -1.02 35.75 -15.55
N GLU B 33 -2.01 34.94 -15.91
CA GLU B 33 -3.39 35.39 -16.14
C GLU B 33 -4.28 34.98 -15.00
N ALA B 34 -3.97 33.85 -14.37
CA ALA B 34 -4.78 33.41 -13.23
C ALA B 34 -3.95 32.47 -12.38
N ALA B 35 -4.21 32.53 -11.09
CA ALA B 35 -3.48 31.71 -10.15
C ALA B 35 -4.47 31.34 -9.05
N SER B 36 -4.25 30.23 -8.37
CA SER B 36 -5.15 29.88 -7.31
C SER B 36 -4.39 29.71 -6.00
N ILE B 37 -5.14 29.44 -4.93
CA ILE B 37 -4.60 29.32 -3.58
C ILE B 37 -4.99 27.99 -2.99
N CYS B 38 -4.11 27.37 -2.21
CA CYS B 38 -4.53 26.13 -1.55
C CYS B 38 -3.91 26.04 -0.16
N GLY B 39 -4.06 24.87 0.47
CA GLY B 39 -3.54 24.64 1.80
C GLY B 39 -2.08 25.02 1.99
N THR B 40 -1.23 24.64 1.05
CA THR B 40 0.18 24.97 1.16
C THR B 40 0.31 26.47 1.37
N ASP B 41 -0.33 27.26 0.51
CA ASP B 41 -0.28 28.71 0.61
C ASP B 41 -0.78 29.19 1.96
N LEU B 42 -1.73 28.46 2.54
CA LEU B 42 -2.28 28.84 3.84
C LEU B 42 -1.28 28.51 4.93
N HIS B 43 -0.42 27.53 4.70
CA HIS B 43 0.58 27.20 5.71
C HIS B 43 1.55 28.36 5.74
N ILE B 44 2.00 28.76 4.55
CA ILE B 44 2.94 29.87 4.46
C ILE B 44 2.37 31.10 5.12
N TRP B 45 1.13 31.43 4.77
CA TRP B 45 0.45 32.60 5.30
C TRP B 45 0.37 32.63 6.81
N LYS B 46 -0.02 31.51 7.41
CA LYS B 46 -0.14 31.45 8.85
C LYS B 46 1.26 31.31 9.45
N TRP B 47 2.24 31.05 8.60
CA TRP B 47 3.61 30.84 9.09
C TRP B 47 3.61 29.82 10.21
N ASP B 48 3.00 28.67 9.99
CA ASP B 48 2.95 27.60 10.99
C ASP B 48 4.18 26.70 10.95
N ALA B 49 4.13 25.63 11.75
CA ALA B 49 5.22 24.67 11.84
C ALA B 49 5.71 24.24 10.46
N TRP B 50 4.79 23.77 9.63
CA TRP B 50 5.14 23.32 8.29
C TRP B 50 5.97 24.37 7.56
N ALA B 51 5.38 25.55 7.42
CA ALA B 51 6.02 26.64 6.72
C ALA B 51 7.40 26.93 7.28
N ARG B 52 7.52 26.92 8.60
CA ARG B 52 8.80 27.26 9.22
C ARG B 52 9.96 26.32 8.84
N GLY B 53 9.67 25.05 8.63
CA GLY B 53 10.73 24.14 8.26
C GLY B 53 10.97 24.08 6.75
N ARG B 54 10.08 24.69 5.97
CA ARG B 54 10.26 24.62 4.54
C ARG B 54 10.57 25.94 3.84
N ILE B 55 9.92 27.02 4.27
CA ILE B 55 10.11 28.31 3.61
C ILE B 55 11.36 29.08 4.02
N ARG B 56 11.93 29.80 3.07
CA ARG B 56 13.13 30.60 3.30
C ARG B 56 12.93 31.96 2.64
N PRO B 57 12.37 32.94 3.37
CA PRO B 57 12.13 34.28 2.84
C PRO B 57 13.43 34.89 2.33
N PRO B 58 13.35 35.75 1.31
CA PRO B 58 12.17 36.20 0.59
C PRO B 58 11.64 35.15 -0.43
N LEU B 59 10.32 35.09 -0.56
CA LEU B 59 9.69 34.15 -1.46
C LEU B 59 8.39 34.70 -2.04
N VAL B 60 8.29 34.71 -3.37
CA VAL B 60 7.05 35.09 -4.02
C VAL B 60 6.33 33.74 -4.10
N THR B 61 5.18 33.63 -3.47
CA THR B 61 4.45 32.37 -3.46
C THR B 61 3.56 32.15 -4.67
N GLY B 62 2.78 31.07 -4.64
CA GLY B 62 1.89 30.75 -5.75
C GLY B 62 2.37 29.61 -6.63
N HIS B 63 1.74 28.45 -6.54
CA HIS B 63 2.15 27.32 -7.34
C HIS B 63 1.02 26.76 -8.24
N GLU B 64 -0.16 27.36 -8.17
CA GLU B 64 -1.29 26.94 -9.00
C GLU B 64 -1.61 28.10 -9.96
N PHE B 65 -1.13 28.04 -11.19
CA PHE B 65 -1.40 29.15 -12.11
C PHE B 65 -1.27 28.82 -13.60
N SER B 66 -1.76 29.73 -14.44
CA SER B 66 -1.65 29.59 -15.89
C SER B 66 -1.44 30.96 -16.47
N GLY B 67 -0.95 31.02 -17.69
CA GLY B 67 -0.70 32.30 -18.32
C GLY B 67 -0.29 32.07 -19.74
N VAL B 68 0.46 33.02 -20.28
CA VAL B 68 0.91 32.97 -21.67
C VAL B 68 2.42 33.03 -21.72
N VAL B 69 3.02 32.25 -22.61
CA VAL B 69 4.47 32.28 -22.73
C VAL B 69 4.77 33.59 -23.39
N GLU B 70 5.40 34.49 -22.64
CA GLU B 70 5.76 35.81 -23.16
C GLU B 70 7.14 35.86 -23.73
N ALA B 71 8.01 34.96 -23.30
CA ALA B 71 9.37 34.94 -23.81
C ALA B 71 9.99 33.61 -23.46
N VAL B 72 10.94 33.16 -24.27
CA VAL B 72 11.59 31.90 -23.97
C VAL B 72 13.06 32.17 -23.94
N GLY B 73 13.82 31.30 -23.29
CA GLY B 73 15.25 31.53 -23.20
C GLY B 73 15.97 31.03 -24.42
N PRO B 74 17.24 31.41 -24.56
CA PRO B 74 18.01 30.96 -25.72
C PRO B 74 17.94 29.45 -25.87
N GLY B 75 17.62 29.00 -27.08
CA GLY B 75 17.53 27.58 -27.39
C GLY B 75 16.27 26.82 -27.00
N VAL B 76 15.32 27.46 -26.34
CA VAL B 76 14.13 26.74 -25.96
C VAL B 76 13.25 26.52 -27.19
N ARG B 77 13.16 25.27 -27.66
CA ARG B 77 12.32 24.95 -28.82
C ARG B 77 10.83 24.96 -28.47
N ARG B 78 10.51 24.59 -27.23
CA ARG B 78 9.12 24.52 -26.81
C ARG B 78 8.96 24.62 -25.29
N PRO B 79 7.85 25.20 -24.82
CA PRO B 79 6.76 25.75 -25.63
C PRO B 79 7.19 26.97 -26.45
N GLN B 80 6.22 27.70 -26.95
CA GLN B 80 6.50 28.87 -27.78
C GLN B 80 5.79 30.13 -27.34
N VAL B 81 6.40 31.27 -27.67
CA VAL B 81 5.81 32.55 -27.34
C VAL B 81 4.34 32.54 -27.81
N GLY B 82 3.43 32.94 -26.93
CA GLY B 82 2.03 32.96 -27.30
C GLY B 82 1.25 31.76 -26.81
N ASP B 83 1.94 30.65 -26.54
CA ASP B 83 1.24 29.47 -26.06
C ASP B 83 0.59 29.74 -24.72
N HIS B 84 -0.54 29.09 -24.50
CA HIS B 84 -1.30 29.17 -23.26
C HIS B 84 -0.78 27.96 -22.49
N VAL B 85 -0.41 28.14 -21.23
CA VAL B 85 0.10 27.01 -20.49
C VAL B 85 -0.35 26.93 -19.05
N SER B 86 -0.30 25.70 -18.53
CA SER B 86 -0.58 25.40 -17.14
C SER B 86 0.83 25.00 -16.66
N LEU B 87 1.09 25.07 -15.37
CA LEU B 87 2.41 24.71 -14.89
C LEU B 87 2.43 23.60 -13.85
N GLU B 88 3.40 22.72 -14.01
CA GLU B 88 3.64 21.63 -13.07
C GLU B 88 4.51 22.33 -12.00
N SER B 89 4.11 22.24 -10.74
CA SER B 89 4.84 22.92 -9.66
C SER B 89 6.17 22.25 -9.29
N HIS B 90 6.28 20.94 -9.51
CA HIS B 90 7.51 20.23 -9.20
C HIS B 90 8.57 20.33 -10.28
N ILE B 91 9.76 20.75 -9.88
CA ILE B 91 10.87 20.85 -10.78
C ILE B 91 11.77 19.69 -10.38
N VAL B 92 11.91 18.73 -11.29
CA VAL B 92 12.66 17.53 -11.04
C VAL B 92 14.11 17.59 -11.51
N CYS B 93 14.97 16.84 -10.82
CA CYS B 93 16.42 16.84 -11.09
C CYS B 93 16.95 15.97 -12.24
N HIS B 94 16.26 14.88 -12.61
CA HIS B 94 16.72 14.03 -13.70
C HIS B 94 18.04 13.33 -13.38
N ALA B 95 18.44 13.36 -12.11
CA ALA B 95 19.71 12.76 -11.70
C ALA B 95 19.64 12.08 -10.33
N CYS B 96 18.53 11.41 -10.05
CA CYS B 96 18.35 10.70 -8.80
C CYS B 96 17.69 9.39 -9.20
N PRO B 97 17.54 8.44 -8.27
CA PRO B 97 16.91 7.16 -8.63
C PRO B 97 15.42 7.24 -8.96
N ALA B 98 14.69 8.11 -8.28
CA ALA B 98 13.26 8.25 -8.58
C ALA B 98 13.11 8.71 -10.03
N CYS B 99 13.88 9.72 -10.43
CA CYS B 99 13.78 10.22 -11.79
C CYS B 99 14.17 9.14 -12.80
N ARG B 100 15.13 8.32 -12.40
CA ARG B 100 15.61 7.24 -13.27
C ARG B 100 14.48 6.27 -13.54
N THR B 101 13.74 5.98 -12.48
CA THR B 101 12.61 5.07 -12.51
C THR B 101 11.38 5.62 -13.23
N GLY B 102 11.35 6.93 -13.43
CA GLY B 102 10.17 7.52 -14.04
C GLY B 102 9.23 8.05 -12.95
N ASN B 103 9.63 7.93 -11.67
CA ASN B 103 8.82 8.42 -10.55
C ASN B 103 9.15 9.89 -10.24
N TYR B 104 9.08 10.74 -11.26
CA TYR B 104 9.37 12.16 -11.12
C TYR B 104 8.61 12.87 -10.01
N HIS B 105 7.39 12.41 -9.76
CA HIS B 105 6.57 13.00 -8.75
C HIS B 105 7.18 12.91 -7.32
N VAL B 106 8.20 12.08 -7.15
CA VAL B 106 8.86 11.94 -5.85
C VAL B 106 10.38 12.04 -5.94
N CYS B 107 10.81 12.82 -6.92
CA CYS B 107 12.22 13.09 -7.15
C CYS B 107 12.84 13.51 -5.80
N LEU B 108 13.98 12.89 -5.48
CA LEU B 108 14.68 13.16 -4.23
C LEU B 108 15.07 14.63 -4.10
N ASN B 109 15.25 15.32 -5.21
CA ASN B 109 15.66 16.71 -5.17
C ASN B 109 14.57 17.68 -5.60
N THR B 110 13.32 17.24 -5.53
CA THR B 110 12.20 18.07 -5.90
C THR B 110 12.27 19.51 -5.37
N GLN B 111 12.05 20.48 -6.25
CA GLN B 111 12.02 21.89 -5.91
C GLN B 111 10.61 22.31 -6.34
N ILE B 112 9.91 23.07 -5.51
CA ILE B 112 8.54 23.47 -5.85
C ILE B 112 8.30 24.97 -6.08
N LEU B 113 7.77 25.33 -7.25
CA LEU B 113 7.47 26.73 -7.55
C LEU B 113 6.56 27.31 -6.46
N GLY B 114 6.84 28.54 -6.03
CA GLY B 114 6.03 29.16 -4.99
C GLY B 114 6.30 28.64 -3.58
N VAL B 115 7.28 27.75 -3.43
CA VAL B 115 7.62 27.19 -2.15
C VAL B 115 9.12 27.26 -1.92
N ASP B 116 9.89 26.72 -2.86
CA ASP B 116 11.34 26.74 -2.78
C ASP B 116 11.93 27.91 -3.62
N ARG B 117 11.19 28.37 -4.63
CA ARG B 117 11.63 29.48 -5.47
C ARG B 117 10.41 30.32 -5.84
N ASP B 118 10.61 31.50 -6.38
CA ASP B 118 9.51 32.37 -6.74
C ASP B 118 8.45 31.78 -7.65
N GLY B 119 7.20 31.92 -7.22
CA GLY B 119 6.09 31.37 -7.95
C GLY B 119 5.22 32.29 -8.76
N GLY B 120 3.96 31.86 -8.91
CA GLY B 120 2.98 32.57 -9.71
C GLY B 120 2.12 33.68 -9.18
N PHE B 121 2.20 34.04 -7.90
CA PHE B 121 1.40 35.15 -7.37
C PHE B 121 2.14 36.44 -7.76
N ALA B 122 2.28 36.64 -9.06
CA ALA B 122 2.99 37.78 -9.62
C ALA B 122 2.59 37.94 -11.09
N GLU B 123 2.87 39.08 -11.69
CA GLU B 123 2.50 39.27 -13.07
C GLU B 123 3.36 38.40 -13.95
N TYR B 124 4.60 38.17 -13.53
CA TYR B 124 5.55 37.36 -14.29
C TYR B 124 6.30 36.34 -13.45
N VAL B 125 6.66 35.23 -14.08
CA VAL B 125 7.38 34.19 -13.39
C VAL B 125 8.20 33.39 -14.38
N VAL B 126 9.42 33.05 -14.01
CA VAL B 126 10.27 32.25 -14.88
C VAL B 126 10.22 30.82 -14.36
N VAL B 127 9.93 29.89 -15.26
CA VAL B 127 9.85 28.47 -14.89
C VAL B 127 10.62 27.65 -15.93
N PRO B 128 10.97 26.40 -15.60
CA PRO B 128 11.71 25.55 -16.55
C PRO B 128 10.83 25.29 -17.76
N ALA B 129 11.41 25.35 -18.96
CA ALA B 129 10.62 25.13 -20.17
C ALA B 129 9.88 23.78 -20.14
N GLU B 130 10.50 22.76 -19.57
CA GLU B 130 9.89 21.43 -19.51
C GLU B 130 8.71 21.34 -18.56
N ASN B 131 8.47 22.37 -17.77
CA ASN B 131 7.38 22.33 -16.81
C ASN B 131 6.09 22.88 -17.37
N ALA B 132 6.14 23.42 -18.58
CA ALA B 132 4.94 24.00 -19.21
C ALA B 132 4.08 23.02 -20.01
N TRP B 133 2.80 22.97 -19.68
CA TRP B 133 1.86 22.14 -20.40
C TRP B 133 0.94 23.07 -21.23
N VAL B 134 1.07 23.00 -22.55
CA VAL B 134 0.29 23.82 -23.47
C VAL B 134 -1.18 23.39 -23.55
N ASN B 135 -2.08 24.32 -23.29
CA ASN B 135 -3.52 24.07 -23.32
C ASN B 135 -4.13 24.65 -24.62
N PRO B 136 -5.32 24.18 -25.00
CA PRO B 136 -5.99 24.68 -26.21
C PRO B 136 -6.24 26.16 -25.91
N LYS B 137 -6.04 27.03 -26.90
CA LYS B 137 -6.22 28.47 -26.68
C LYS B 137 -7.58 28.84 -26.13
N ASP B 138 -8.60 28.02 -26.35
CA ASP B 138 -9.91 28.38 -25.82
C ASP B 138 -10.19 27.90 -24.38
N LEU B 139 -9.23 27.23 -23.77
CA LEU B 139 -9.42 26.79 -22.39
C LEU B 139 -9.32 28.06 -21.52
N PRO B 140 -10.33 28.34 -20.70
CA PRO B 140 -10.24 29.54 -19.86
C PRO B 140 -9.11 29.45 -18.85
N PHE B 141 -8.28 30.50 -18.82
CA PHE B 141 -7.15 30.53 -17.90
C PHE B 141 -7.54 30.12 -16.48
N GLU B 142 -8.68 30.59 -16.04
CA GLU B 142 -9.22 30.28 -14.73
C GLU B 142 -9.19 28.75 -14.49
N VAL B 143 -9.64 27.98 -15.48
CA VAL B 143 -9.68 26.54 -15.31
C VAL B 143 -8.26 25.99 -15.43
N ALA B 144 -7.49 26.56 -16.35
CA ALA B 144 -6.11 26.16 -16.56
C ALA B 144 -5.29 26.35 -15.28
N ALA B 145 -5.64 27.37 -14.51
CA ALA B 145 -4.93 27.66 -13.27
C ALA B 145 -5.12 26.61 -12.20
N ILE B 146 -6.18 25.82 -12.31
CA ILE B 146 -6.40 24.82 -11.28
C ILE B 146 -6.15 23.38 -11.72
N LEU B 147 -5.45 23.19 -12.84
CA LEU B 147 -5.14 21.85 -13.33
C LEU B 147 -4.12 21.18 -12.43
N GLU B 148 -3.30 21.97 -11.76
CA GLU B 148 -2.30 21.40 -10.86
C GLU B 148 -3.00 20.69 -9.70
N PRO B 149 -3.88 21.39 -8.95
CA PRO B 149 -4.51 20.63 -7.87
C PRO B 149 -5.39 19.47 -8.39
N PHE B 150 -5.99 19.68 -9.58
CA PHE B 150 -6.85 18.68 -10.21
C PHE B 150 -6.03 17.42 -10.43
N GLY B 151 -4.81 17.61 -10.89
CA GLY B 151 -3.91 16.49 -11.12
C GLY B 151 -3.79 15.61 -9.88
N ASN B 152 -3.72 16.21 -8.70
CA ASN B 152 -3.64 15.46 -7.46
C ASN B 152 -4.79 14.50 -7.34
N ALA B 153 -6.00 14.97 -7.67
CA ALA B 153 -7.20 14.13 -7.60
C ALA B 153 -7.09 12.99 -8.59
N VAL B 154 -6.76 13.37 -9.82
CA VAL B 154 -6.59 12.43 -10.91
C VAL B 154 -5.61 11.32 -10.52
N HIS B 155 -4.45 11.72 -10.01
CA HIS B 155 -3.41 10.78 -9.61
C HIS B 155 -3.94 9.77 -8.59
N THR B 156 -4.60 10.28 -7.56
CA THR B 156 -5.19 9.45 -6.50
C THR B 156 -6.23 8.47 -7.05
N VAL B 157 -7.15 8.99 -7.87
CA VAL B 157 -8.22 8.19 -8.45
C VAL B 157 -7.76 7.07 -9.38
N TYR B 158 -6.82 7.36 -10.27
CA TYR B 158 -6.34 6.36 -11.23
C TYR B 158 -5.15 5.52 -10.78
N ALA B 159 -4.70 5.73 -9.55
CA ALA B 159 -3.60 4.94 -9.03
C ALA B 159 -4.20 3.55 -8.80
N GLY B 160 -3.32 2.57 -8.65
CA GLY B 160 -3.77 1.21 -8.44
C GLY B 160 -4.67 0.70 -9.56
N SER B 161 -5.80 0.15 -9.15
CA SER B 161 -6.75 -0.44 -10.05
C SER B 161 -7.79 0.55 -10.61
N GLY B 162 -7.67 1.82 -10.28
CA GLY B 162 -8.63 2.79 -10.77
C GLY B 162 -9.96 2.69 -10.05
N VAL B 163 -11.02 3.23 -10.65
CA VAL B 163 -12.32 3.21 -10.01
C VAL B 163 -13.50 2.75 -10.84
N SER B 164 -13.27 2.51 -12.13
CA SER B 164 -14.34 2.11 -13.06
C SER B 164 -15.06 0.84 -12.67
N GLY B 165 -16.36 0.97 -12.42
CA GLY B 165 -17.16 -0.17 -12.02
C GLY B 165 -16.90 -0.66 -10.61
N LYS B 166 -16.51 0.24 -9.71
CA LYS B 166 -16.18 -0.12 -8.33
C LYS B 166 -16.80 0.82 -7.33
N SER B 167 -17.10 0.28 -6.14
CA SER B 167 -17.64 1.10 -5.06
C SER B 167 -16.46 1.93 -4.52
N VAL B 168 -16.71 3.21 -4.26
CA VAL B 168 -15.68 4.11 -3.79
C VAL B 168 -16.12 4.94 -2.59
N LEU B 169 -15.20 5.14 -1.66
CA LEU B 169 -15.48 6.00 -0.53
C LEU B 169 -14.40 7.09 -0.55
N ILE B 170 -14.85 8.34 -0.55
CA ILE B 170 -13.95 9.46 -0.51
C ILE B 170 -14.15 10.11 0.86
N THR B 171 -13.07 10.20 1.64
CA THR B 171 -13.13 10.85 2.96
C THR B 171 -12.44 12.21 2.79
N GLY B 172 -13.22 13.26 2.95
CA GLY B 172 -12.68 14.59 2.81
C GLY B 172 -13.26 15.25 1.57
N ALA B 173 -14.02 16.32 1.80
CA ALA B 173 -14.67 17.07 0.74
C ALA B 173 -13.95 18.38 0.51
N GLY B 174 -12.67 18.46 0.89
CA GLY B 174 -11.93 19.68 0.63
C GLY B 174 -11.92 19.83 -0.88
N PRO B 175 -11.29 20.88 -1.45
CA PRO B 175 -11.24 21.09 -2.90
C PRO B 175 -10.76 19.94 -3.77
N ILE B 176 -9.68 19.26 -3.38
CA ILE B 176 -9.15 18.16 -4.17
C ILE B 176 -10.07 16.95 -4.05
N GLY B 177 -10.69 16.80 -2.88
CA GLY B 177 -11.63 15.71 -2.68
C GLY B 177 -12.89 15.94 -3.50
N LEU B 178 -13.31 17.19 -3.67
CA LEU B 178 -14.50 17.49 -4.47
C LEU B 178 -14.14 17.15 -5.91
N MET B 179 -12.91 17.54 -6.30
CA MET B 179 -12.39 17.27 -7.64
C MET B 179 -12.32 15.76 -7.89
N ALA B 180 -11.94 14.99 -6.88
CA ALA B 180 -11.84 13.55 -7.04
C ALA B 180 -13.24 12.97 -7.17
N ALA B 181 -14.22 13.65 -6.55
CA ALA B 181 -15.62 13.24 -6.59
C ALA B 181 -16.13 13.39 -8.03
N MET B 182 -15.71 14.46 -8.67
CA MET B 182 -16.10 14.71 -10.04
C MET B 182 -15.48 13.67 -10.96
N VAL B 183 -14.23 13.33 -10.68
CA VAL B 183 -13.53 12.37 -11.48
C VAL B 183 -14.05 10.93 -11.32
N VAL B 184 -14.34 10.49 -10.11
CA VAL B 184 -14.82 9.12 -9.97
C VAL B 184 -16.20 8.96 -10.58
N ARG B 185 -17.01 10.01 -10.51
CA ARG B 185 -18.34 9.98 -11.10
C ARG B 185 -18.23 9.92 -12.64
N ALA B 186 -17.31 10.70 -13.21
CA ALA B 186 -17.11 10.70 -14.65
C ALA B 186 -16.34 9.45 -15.08
N SER B 187 -15.92 8.63 -14.11
CA SER B 187 -15.14 7.44 -14.46
C SER B 187 -15.89 6.15 -14.32
N GLY B 188 -17.13 6.24 -13.86
CA GLY B 188 -17.94 5.05 -13.76
C GLY B 188 -17.90 4.33 -12.44
N ALA B 189 -17.62 5.08 -11.40
CA ALA B 189 -17.56 4.50 -10.07
C ALA B 189 -19.01 4.38 -9.60
N GLY B 190 -19.30 3.39 -8.78
CA GLY B 190 -20.65 3.24 -8.30
C GLY B 190 -20.81 2.05 -7.42
N PRO B 191 -21.40 2.23 -6.22
CA PRO B 191 -21.91 3.50 -5.70
C PRO B 191 -20.73 4.40 -5.26
N ILE B 192 -20.96 5.71 -5.22
CA ILE B 192 -19.94 6.63 -4.78
C ILE B 192 -20.41 7.29 -3.49
N LEU B 193 -19.57 7.24 -2.47
CA LEU B 193 -19.87 7.83 -1.16
C LEU B 193 -18.83 8.88 -0.82
N VAL B 194 -19.29 10.07 -0.42
CA VAL B 194 -18.40 11.15 -0.01
C VAL B 194 -18.75 11.50 1.41
N SER B 195 -17.73 11.55 2.25
CA SER B 195 -17.90 11.83 3.66
C SER B 195 -17.06 12.98 4.16
N ASP B 196 -17.74 13.96 4.78
CA ASP B 196 -17.07 15.12 5.34
C ASP B 196 -17.98 15.82 6.35
N PRO B 197 -17.43 16.20 7.53
CA PRO B 197 -18.17 16.89 8.61
C PRO B 197 -18.67 18.32 8.30
N ASN B 198 -18.12 18.96 7.28
CA ASN B 198 -18.52 20.32 6.93
C ASN B 198 -19.60 20.32 5.85
N PRO B 199 -20.83 20.75 6.21
CA PRO B 199 -22.01 20.82 5.33
C PRO B 199 -21.77 21.57 4.01
N TYR B 200 -21.09 22.70 4.11
CA TYR B 200 -20.81 23.51 2.95
C TYR B 200 -20.00 22.76 1.89
N ARG B 201 -19.11 21.87 2.33
CA ARG B 201 -18.29 21.12 1.40
C ARG B 201 -19.05 19.93 0.85
N LEU B 202 -19.73 19.20 1.72
CA LEU B 202 -20.49 18.04 1.29
C LEU B 202 -21.39 18.44 0.13
N ALA B 203 -22.17 19.49 0.34
CA ALA B 203 -23.10 20.01 -0.67
C ALA B 203 -22.47 20.09 -2.05
N PHE B 204 -21.24 20.59 -2.12
CA PHE B 204 -20.59 20.70 -3.42
C PHE B 204 -20.44 19.36 -4.10
N ALA B 205 -20.50 18.29 -3.33
CA ALA B 205 -20.32 16.95 -3.88
C ALA B 205 -21.61 16.21 -4.24
N ARG B 206 -22.74 16.88 -4.06
CA ARG B 206 -24.03 16.26 -4.32
C ARG B 206 -24.30 15.86 -5.77
N PRO B 207 -23.91 16.69 -6.72
CA PRO B 207 -24.18 16.26 -8.10
C PRO B 207 -23.32 15.07 -8.59
N TYR B 208 -22.35 14.63 -7.79
CA TYR B 208 -21.47 13.56 -8.23
C TYR B 208 -21.55 12.28 -7.42
N ALA B 209 -21.65 12.44 -6.10
CA ALA B 209 -21.72 11.30 -5.20
C ALA B 209 -23.11 10.71 -5.21
N ASP B 210 -23.22 9.46 -4.79
CA ASP B 210 -24.49 8.76 -4.73
C ASP B 210 -25.04 8.82 -3.31
N ARG B 211 -24.17 9.16 -2.37
CA ARG B 211 -24.56 9.23 -0.98
C ARG B 211 -23.61 10.14 -0.26
N LEU B 212 -24.17 11.11 0.45
CA LEU B 212 -23.36 12.05 1.20
C LEU B 212 -23.46 11.70 2.67
N VAL B 213 -22.33 11.73 3.37
CA VAL B 213 -22.31 11.39 4.78
C VAL B 213 -21.54 12.40 5.61
N ASN B 214 -22.10 12.71 6.78
CA ASN B 214 -21.47 13.62 7.73
C ASN B 214 -21.10 12.65 8.83
N PRO B 215 -19.84 12.20 8.83
CA PRO B 215 -19.42 11.25 9.87
C PRO B 215 -19.83 11.63 11.29
N LEU B 216 -20.10 12.91 11.52
CA LEU B 216 -20.50 13.38 12.85
C LEU B 216 -22.01 13.37 13.09
N GLU B 217 -22.78 12.69 12.24
CA GLU B 217 -24.24 12.62 12.43
C GLU B 217 -24.77 11.24 12.08
N GLU B 218 -23.98 10.49 11.30
CA GLU B 218 -24.34 9.13 10.92
C GLU B 218 -23.10 8.28 11.11
N ASP B 219 -23.32 6.98 11.32
CA ASP B 219 -22.22 6.06 11.50
C ASP B 219 -21.71 5.71 10.09
N LEU B 220 -20.61 6.34 9.65
CA LEU B 220 -20.10 6.08 8.31
C LEU B 220 -20.05 4.61 7.97
N LEU B 221 -19.47 3.79 8.83
CA LEU B 221 -19.41 2.37 8.53
C LEU B 221 -20.77 1.74 8.25
N GLU B 222 -21.81 2.22 8.92
CA GLU B 222 -23.10 1.60 8.68
C GLU B 222 -23.80 2.08 7.41
N VAL B 223 -23.63 3.36 7.08
CA VAL B 223 -24.22 3.87 5.86
C VAL B 223 -23.60 3.09 4.70
N VAL B 224 -22.29 2.87 4.78
CA VAL B 224 -21.57 2.13 3.77
C VAL B 224 -22.10 0.71 3.65
N ARG B 225 -22.30 0.03 4.78
CA ARG B 225 -22.82 -1.34 4.73
C ARG B 225 -24.20 -1.34 4.06
N ARG B 226 -25.00 -0.32 4.27
CA ARG B 226 -26.33 -0.30 3.67
C ARG B 226 -26.30 0.11 2.21
N VAL B 227 -25.27 0.88 1.82
CA VAL B 227 -25.18 1.31 0.44
C VAL B 227 -24.57 0.25 -0.45
N THR B 228 -23.60 -0.50 0.06
CA THR B 228 -22.94 -1.53 -0.75
C THR B 228 -23.27 -2.96 -0.30
N GLY B 229 -23.66 -3.14 0.96
CA GLY B 229 -23.96 -4.47 1.46
C GLY B 229 -22.82 -5.00 2.35
N SER B 230 -21.67 -4.35 2.29
CA SER B 230 -20.52 -4.75 3.10
C SER B 230 -19.57 -3.55 3.20
N GLY B 231 -18.63 -3.43 2.25
CA GLY B 231 -17.68 -2.32 2.23
C GLY B 231 -17.45 -1.78 0.81
N VAL B 232 -16.49 -0.87 0.65
CA VAL B 232 -16.19 -0.30 -0.66
C VAL B 232 -14.92 -0.96 -1.17
N GLU B 233 -14.70 -0.91 -2.48
CA GLU B 233 -13.51 -1.49 -3.08
C GLU B 233 -12.36 -0.51 -3.05
N VAL B 234 -12.68 0.78 -3.01
CA VAL B 234 -11.65 1.79 -3.02
C VAL B 234 -11.91 2.92 -2.05
N LEU B 235 -10.83 3.34 -1.40
CA LEU B 235 -10.86 4.42 -0.45
C LEU B 235 -9.93 5.50 -0.94
N LEU B 236 -10.46 6.70 -1.12
CA LEU B 236 -9.65 7.81 -1.54
C LEU B 236 -9.69 8.74 -0.33
N GLU B 237 -8.53 8.91 0.29
CA GLU B 237 -8.40 9.71 1.51
C GLU B 237 -7.71 11.04 1.26
N PHE B 238 -8.44 12.15 1.44
CA PHE B 238 -7.88 13.48 1.21
C PHE B 238 -7.78 14.38 2.45
N SER B 239 -8.32 13.96 3.58
CA SER B 239 -8.29 14.83 4.75
C SER B 239 -7.06 14.79 5.68
N GLY B 240 -6.55 13.60 5.97
CA GLY B 240 -5.41 13.51 6.87
C GLY B 240 -5.93 13.41 8.29
N ASN B 241 -7.24 13.46 8.46
CA ASN B 241 -7.82 13.35 9.78
C ASN B 241 -7.65 11.88 10.19
N GLU B 242 -7.05 11.62 11.34
CA GLU B 242 -6.82 10.24 11.76
C GLU B 242 -8.02 9.35 11.98
N ALA B 243 -9.10 9.90 12.51
CA ALA B 243 -10.27 9.09 12.75
C ALA B 243 -10.94 8.71 11.42
N ALA B 244 -10.87 9.61 10.45
CA ALA B 244 -11.43 9.37 9.14
C ALA B 244 -10.63 8.27 8.46
N ILE B 245 -9.31 8.32 8.65
CA ILE B 245 -8.42 7.33 8.09
C ILE B 245 -8.78 5.94 8.61
N HIS B 246 -8.95 5.83 9.93
CA HIS B 246 -9.28 4.55 10.55
C HIS B 246 -10.66 4.07 10.13
N GLN B 247 -11.59 5.00 10.10
CA GLN B 247 -12.95 4.69 9.74
C GLN B 247 -12.93 4.20 8.30
N GLY B 248 -12.33 5.03 7.44
CA GLY B 248 -12.21 4.69 6.03
C GLY B 248 -11.59 3.33 5.76
N LEU B 249 -10.52 2.97 6.48
CA LEU B 249 -9.89 1.67 6.28
C LEU B 249 -10.77 0.52 6.75
N MET B 250 -11.56 0.80 7.79
CA MET B 250 -12.46 -0.20 8.33
C MET B 250 -13.58 -0.40 7.29
N ALA B 251 -13.85 0.65 6.51
CA ALA B 251 -14.87 0.66 5.45
C ALA B 251 -14.50 -0.15 4.21
N LEU B 252 -13.21 -0.36 3.97
CA LEU B 252 -12.77 -1.15 2.83
C LEU B 252 -13.11 -2.62 3.03
N ILE B 253 -13.32 -3.34 1.94
CA ILE B 253 -13.57 -4.76 2.03
C ILE B 253 -12.19 -5.39 1.97
N PRO B 254 -12.06 -6.64 2.43
CA PRO B 254 -10.77 -7.32 2.39
C PRO B 254 -10.31 -7.37 0.93
N GLY B 255 -9.01 -7.13 0.72
CA GLY B 255 -8.47 -7.15 -0.63
C GLY B 255 -8.56 -5.83 -1.36
N GLY B 256 -9.18 -4.83 -0.73
CA GLY B 256 -9.34 -3.51 -1.33
C GLY B 256 -8.11 -2.62 -1.35
N GLU B 257 -8.29 -1.41 -1.87
CA GLU B 257 -7.22 -0.44 -1.99
C GLU B 257 -7.57 0.89 -1.37
N ALA B 258 -6.60 1.47 -0.69
CA ALA B 258 -6.74 2.76 -0.07
C ALA B 258 -5.68 3.58 -0.77
N ARG B 259 -6.05 4.75 -1.24
CA ARG B 259 -5.12 5.62 -1.94
C ARG B 259 -5.13 6.86 -1.08
N ILE B 260 -3.95 7.21 -0.59
CA ILE B 260 -3.84 8.31 0.34
C ILE B 260 -3.05 9.51 -0.09
N LEU B 261 -3.77 10.63 -0.22
CA LEU B 261 -3.18 11.89 -0.60
C LEU B 261 -3.09 12.75 0.66
N GLY B 262 -4.06 12.58 1.54
CA GLY B 262 -4.11 13.34 2.78
C GLY B 262 -2.86 13.23 3.62
N ILE B 263 -2.44 14.37 4.14
CA ILE B 263 -1.26 14.44 4.97
C ILE B 263 -1.70 14.71 6.41
N PRO B 264 -1.57 13.72 7.31
CA PRO B 264 -1.99 13.96 8.69
C PRO B 264 -0.98 14.92 9.36
N SER B 265 -1.45 15.76 10.29
CA SER B 265 -0.53 16.71 10.96
C SER B 265 0.40 16.04 11.97
N ASP B 266 0.05 14.85 12.43
CA ASP B 266 0.87 14.13 13.39
C ASP B 266 0.84 12.64 13.13
N PRO B 267 1.86 11.91 13.61
CA PRO B 267 1.90 10.47 13.41
C PRO B 267 0.59 9.94 13.97
N ILE B 268 0.15 8.79 13.48
CA ILE B 268 -1.11 8.20 13.94
C ILE B 268 -0.79 6.88 14.62
N ARG B 269 -1.75 6.32 15.34
CA ARG B 269 -1.50 5.03 15.96
C ARG B 269 -2.10 4.13 14.89
N PHE B 270 -1.32 3.16 14.45
CA PHE B 270 -1.76 2.32 13.38
C PHE B 270 -1.66 0.87 13.72
N ASP B 271 -2.75 0.15 13.54
CA ASP B 271 -2.73 -1.28 13.80
C ASP B 271 -2.40 -1.98 12.49
N LEU B 272 -1.12 -1.98 12.16
CA LEU B 272 -0.61 -2.58 10.94
C LEU B 272 -1.27 -3.90 10.62
N ALA B 273 -1.32 -4.77 11.62
CA ALA B 273 -1.90 -6.08 11.46
C ALA B 273 -3.37 -6.03 11.10
N GLY B 274 -4.16 -5.34 11.93
CA GLY B 274 -5.59 -5.25 11.73
C GLY B 274 -6.11 -4.45 10.54
N GLU B 275 -5.58 -3.26 10.35
CA GLU B 275 -6.07 -2.41 9.27
C GLU B 275 -5.47 -2.69 7.88
N LEU B 276 -4.28 -3.30 7.81
CA LEU B 276 -3.68 -3.56 6.51
C LEU B 276 -3.31 -5.01 6.18
N VAL B 277 -2.33 -5.56 6.89
CA VAL B 277 -1.84 -6.90 6.62
C VAL B 277 -2.86 -8.02 6.62
N MET B 278 -3.61 -8.19 7.71
CA MET B 278 -4.57 -9.29 7.79
C MET B 278 -5.75 -9.27 6.81
N ARG B 279 -6.12 -8.10 6.31
CA ARG B 279 -7.23 -7.98 5.37
C ARG B 279 -6.75 -7.77 3.93
N GLY B 280 -5.47 -8.06 3.69
CA GLY B 280 -4.90 -7.93 2.38
C GLY B 280 -5.13 -6.60 1.68
N ILE B 281 -5.08 -5.50 2.44
CA ILE B 281 -5.26 -4.17 1.87
C ILE B 281 -3.96 -3.66 1.26
N THR B 282 -4.08 -2.80 0.26
CA THR B 282 -2.92 -2.19 -0.37
C THR B 282 -3.11 -0.69 -0.21
N ALA B 283 -2.12 -0.04 0.39
CA ALA B 283 -2.19 1.40 0.61
C ALA B 283 -1.23 2.10 -0.30
N PHE B 284 -1.77 3.06 -1.05
CA PHE B 284 -1.00 3.83 -2.01
C PHE B 284 -0.75 5.25 -1.54
N GLY B 285 0.53 5.59 -1.40
CA GLY B 285 0.89 6.93 -0.99
C GLY B 285 0.93 7.80 -2.24
N ILE B 286 0.02 8.76 -2.36
CA ILE B 286 -0.02 9.62 -3.53
C ILE B 286 0.69 10.95 -3.33
N ALA B 287 1.64 11.28 -4.19
CA ALA B 287 2.35 12.55 -4.08
C ALA B 287 2.46 13.21 -5.45
N GLY B 288 2.14 14.49 -5.52
CA GLY B 288 2.24 15.20 -6.79
C GLY B 288 1.41 14.64 -7.93
N ARG B 289 1.93 14.76 -9.14
CA ARG B 289 1.26 14.28 -10.33
C ARG B 289 2.27 13.46 -11.13
N ARG B 290 1.85 12.31 -11.65
CA ARG B 290 2.82 11.53 -12.40
C ARG B 290 3.22 12.32 -13.62
N LEU B 291 4.52 12.49 -13.80
CA LEU B 291 4.91 13.29 -14.90
C LEU B 291 4.72 12.71 -16.26
N TRP B 292 3.61 13.30 -16.68
CA TRP B 292 2.82 13.30 -17.86
C TRP B 292 1.60 12.39 -17.90
N GLN B 293 1.62 11.17 -17.40
CA GLN B 293 0.35 10.43 -17.49
C GLN B 293 -0.75 11.04 -16.64
N THR B 294 -0.41 11.70 -15.54
CA THR B 294 -1.48 12.30 -14.75
C THR B 294 -2.04 13.50 -15.50
N TRP B 295 -1.16 14.30 -16.10
CA TRP B 295 -1.58 15.45 -16.90
C TRP B 295 -2.36 14.99 -18.15
N MET B 296 -1.94 13.90 -18.78
CA MET B 296 -2.64 13.40 -19.96
C MET B 296 -4.08 12.98 -19.64
N GLN B 297 -4.24 12.19 -18.59
CA GLN B 297 -5.55 11.73 -18.17
C GLN B 297 -6.46 12.88 -17.75
N GLY B 298 -5.94 13.76 -16.89
CA GLY B 298 -6.71 14.89 -16.41
C GLY B 298 -7.11 15.93 -17.45
N THR B 299 -6.19 16.31 -18.33
CA THR B 299 -6.53 17.29 -19.35
C THR B 299 -7.46 16.66 -20.40
N ALA B 300 -7.35 15.34 -20.56
CA ALA B 300 -8.19 14.64 -21.50
C ALA B 300 -9.63 14.77 -21.02
N LEU B 301 -9.84 14.56 -19.73
CA LEU B 301 -11.15 14.65 -19.10
C LEU B 301 -11.77 16.04 -19.20
N VAL B 302 -10.92 17.06 -19.06
CA VAL B 302 -11.36 18.44 -19.09
C VAL B 302 -11.60 18.95 -20.49
N TYR B 303 -10.67 18.67 -21.40
CA TYR B 303 -10.79 19.11 -22.78
C TYR B 303 -12.01 18.54 -23.50
N SER B 304 -12.31 17.28 -23.22
CA SER B 304 -13.42 16.58 -23.84
C SER B 304 -14.75 16.87 -23.16
N GLY B 305 -14.71 17.45 -21.97
CA GLY B 305 -15.94 17.72 -21.28
C GLY B 305 -16.40 16.61 -20.36
N ARG B 306 -15.64 15.52 -20.20
CA ARG B 306 -16.06 14.43 -19.30
C ARG B 306 -16.27 15.00 -17.90
N VAL B 307 -15.50 16.01 -17.54
CA VAL B 307 -15.65 16.69 -16.25
C VAL B 307 -15.72 18.19 -16.52
N ASP B 308 -16.34 18.94 -15.61
CA ASP B 308 -16.45 20.38 -15.76
C ASP B 308 -16.03 20.97 -14.42
N LEU B 309 -14.87 21.63 -14.38
CA LEU B 309 -14.36 22.17 -13.12
C LEU B 309 -15.02 23.47 -12.67
N SER B 310 -15.52 24.22 -13.64
CA SER B 310 -16.18 25.51 -13.40
C SER B 310 -16.92 25.71 -12.07
N PRO B 311 -17.81 24.80 -11.69
CA PRO B 311 -18.49 25.03 -10.41
C PRO B 311 -17.59 25.09 -9.18
N LEU B 312 -16.29 24.82 -9.35
CA LEU B 312 -15.40 24.85 -8.22
C LEU B 312 -14.81 26.24 -8.07
N LEU B 313 -14.95 27.06 -9.12
CA LEU B 313 -14.42 28.41 -9.07
C LEU B 313 -15.43 29.29 -8.32
N THR B 314 -15.41 29.20 -6.99
CA THR B 314 -16.32 29.96 -6.16
C THR B 314 -16.06 31.47 -6.05
N HIS B 315 -14.82 31.93 -6.31
CA HIS B 315 -14.51 33.36 -6.20
C HIS B 315 -13.40 33.80 -7.16
N ARG B 316 -13.40 35.08 -7.49
CA ARG B 316 -12.39 35.70 -8.36
C ARG B 316 -12.05 37.05 -7.73
N LEU B 317 -10.77 37.29 -7.46
CA LEU B 317 -10.34 38.54 -6.84
C LEU B 317 -8.99 39.02 -7.36
N PRO B 318 -8.83 40.34 -7.49
CA PRO B 318 -7.54 40.83 -7.97
C PRO B 318 -6.51 40.48 -6.88
N LEU B 319 -5.25 40.33 -7.28
CA LEU B 319 -4.18 39.99 -6.34
C LEU B 319 -4.08 41.00 -5.21
N SER B 320 -4.42 42.26 -5.51
CA SER B 320 -4.41 43.36 -4.54
C SER B 320 -5.21 43.00 -3.31
N ARG B 321 -6.30 42.28 -3.53
CA ARG B 321 -7.16 41.91 -2.43
C ARG B 321 -6.93 40.54 -1.86
N TYR B 322 -5.67 40.10 -1.98
CA TYR B 322 -5.25 38.79 -1.50
C TYR B 322 -5.69 38.46 -0.08
N ARG B 323 -5.77 39.46 0.79
CA ARG B 323 -6.14 39.20 2.18
C ARG B 323 -7.55 38.68 2.31
N GLU B 324 -8.49 39.27 1.57
CA GLU B 324 -9.86 38.81 1.63
C GLU B 324 -9.83 37.38 1.09
N ALA B 325 -9.05 37.17 0.03
CA ALA B 325 -8.91 35.85 -0.59
C ALA B 325 -8.48 34.76 0.40
N PHE B 326 -7.36 34.97 1.09
CA PHE B 326 -6.90 33.97 2.07
C PHE B 326 -7.94 33.81 3.16
N GLY B 327 -8.58 34.92 3.52
CA GLY B 327 -9.59 34.86 4.56
C GLY B 327 -10.70 33.88 4.21
N LEU B 328 -11.24 34.02 3.00
CA LEU B 328 -12.31 33.14 2.54
C LEU B 328 -11.83 31.71 2.61
N LEU B 329 -10.67 31.46 2.05
CA LEU B 329 -10.16 30.11 2.06
C LEU B 329 -10.12 29.62 3.48
N ALA B 330 -9.32 30.29 4.32
CA ALA B 330 -9.16 29.92 5.74
C ALA B 330 -10.46 29.60 6.49
N SER B 331 -11.55 30.27 6.11
CA SER B 331 -12.86 30.06 6.77
C SER B 331 -13.72 28.91 6.21
N GLY B 332 -13.23 28.18 5.21
CA GLY B 332 -14.03 27.10 4.66
C GLY B 332 -15.21 27.58 3.81
N GLN B 333 -15.26 28.90 3.58
CA GLN B 333 -16.30 29.55 2.79
C GLN B 333 -15.97 29.64 1.30
N ALA B 334 -15.13 28.74 0.78
CA ALA B 334 -14.79 28.79 -0.63
C ALA B 334 -14.17 27.46 -1.03
N VAL B 335 -14.11 27.22 -2.33
CA VAL B 335 -13.49 26.00 -2.82
C VAL B 335 -12.26 26.50 -3.56
N LYS B 336 -12.38 26.89 -4.83
CA LYS B 336 -11.21 27.43 -5.52
C LYS B 336 -11.34 28.92 -5.77
N VAL B 337 -10.43 29.69 -5.16
CA VAL B 337 -10.38 31.14 -5.29
C VAL B 337 -9.33 31.54 -6.32
N ILE B 338 -9.71 32.39 -7.26
CA ILE B 338 -8.78 32.81 -8.28
C ILE B 338 -8.27 34.22 -7.99
N LEU B 339 -6.96 34.40 -8.14
CA LEU B 339 -6.34 35.69 -7.91
C LEU B 339 -5.86 36.18 -9.26
N ASP B 340 -6.09 37.46 -9.53
CA ASP B 340 -5.67 38.06 -10.79
C ASP B 340 -4.51 39.01 -10.47
N PRO B 341 -3.31 38.67 -10.98
CA PRO B 341 -2.12 39.49 -10.73
C PRO B 341 -2.10 40.83 -11.47
N LYS B 342 -3.01 41.00 -12.42
CA LYS B 342 -3.01 42.27 -13.15
C LYS B 342 -3.72 43.38 -12.38
N ALA B 343 -4.33 43.06 -11.25
CA ALA B 343 -5.06 44.05 -10.48
C ALA B 343 -4.89 43.94 -8.95
#